data_6PSC
#
_entry.id   6PSC
#
_cell.length_a   60.160
_cell.length_b   60.160
_cell.length_c   526.380
_cell.angle_alpha   90.000
_cell.angle_beta   90.000
_cell.angle_gamma   90.000
#
_symmetry.space_group_name_H-M   'P 43 2 2'
#
_entity_poly.entity_id   1
_entity_poly.type   'polypeptide(L)'
_entity_poly.pdbx_seq_one_letter_code
;MAQSVEESGGRLVTPGTPLTLACTVSGFSLNTYSMFWVRQAPGKGLQWIGIISNFGVIYYATWAKGRFTISKTSTTVDLK
ITSPTTEDTATYFCVRKYGSEWGGDLWGPGTLVTVSSVSRGGGGSGGGGSGGGGSELDMTQTPASVSEPVGGTVTIKCQA
SQSISSYLAWYQQKPGQRPRLLIYETSTLASGVPSRFKGSGSGTEFTLTISDLECADAATYYCQSTYENPTYVSFGGGTE
VGVKSSSTVSSHHHHHH
;
_entity_poly.pdbx_strand_id   A,B,C
#
# COMPACT_ATOMS: atom_id res chain seq x y z
N ALA A 2 9.38 16.52 -12.37
CA ALA A 2 10.25 16.21 -11.18
C ALA A 2 10.92 14.85 -11.37
N GLN A 3 12.20 14.75 -11.04
CA GLN A 3 13.00 13.51 -11.17
C GLN A 3 13.01 12.78 -9.83
N SER A 4 12.66 11.49 -9.80
CA SER A 4 12.65 10.67 -8.56
C SER A 4 12.98 9.20 -8.84
N VAL A 5 13.20 8.45 -7.76
CA VAL A 5 13.65 7.04 -7.80
C VAL A 5 12.94 6.35 -6.66
N GLU A 6 12.51 5.09 -6.87
CA GLU A 6 11.81 4.31 -5.82
C GLU A 6 12.06 2.81 -5.97
N GLU A 7 12.46 2.17 -4.87
CA GLU A 7 12.77 0.72 -4.78
C GLU A 7 11.52 0.01 -4.28
N SER A 8 11.44 -1.29 -4.53
CA SER A 8 10.30 -2.17 -4.17
C SER A 8 10.76 -3.64 -4.23
N GLY A 9 10.16 -4.50 -3.41
CA GLY A 9 10.41 -5.95 -3.47
C GLY A 9 10.84 -6.52 -2.13
N GLY A 10 11.18 -5.63 -1.18
CA GLY A 10 11.68 -5.99 0.14
C GLY A 10 10.62 -6.67 0.98
N ARG A 11 11.01 -7.72 1.69
CA ARG A 11 10.10 -8.54 2.54
C ARG A 11 10.93 -9.52 3.35
N LEU A 12 10.28 -10.21 4.28
CA LEU A 12 10.88 -11.32 5.07
C LEU A 12 11.00 -12.54 4.16
N VAL A 13 12.05 -13.33 4.33
CA VAL A 13 12.40 -14.48 3.44
C VAL A 13 13.23 -15.46 4.28
N THR A 14 13.25 -16.74 3.90
CA THR A 14 14.02 -17.78 4.62
C THR A 14 15.35 -17.95 3.89
N PRO A 15 16.44 -18.26 4.60
CA PRO A 15 17.76 -18.41 3.95
C PRO A 15 17.67 -19.32 2.72
N GLY A 16 18.27 -18.87 1.61
CA GLY A 16 18.41 -19.66 0.37
C GLY A 16 17.30 -19.36 -0.62
N THR A 17 16.13 -18.86 -0.17
CA THR A 17 14.99 -18.46 -1.03
C THR A 17 15.37 -17.22 -1.84
N PRO A 18 15.59 -17.30 -3.19
CA PRO A 18 15.97 -16.14 -3.99
C PRO A 18 14.92 -15.03 -3.99
N LEU A 19 15.34 -13.79 -4.20
CA LEU A 19 14.48 -12.59 -4.09
C LEU A 19 14.94 -11.55 -5.10
N THR A 20 14.01 -10.87 -5.76
CA THR A 20 14.30 -9.78 -6.72
C THR A 20 13.69 -8.48 -6.21
N LEU A 21 14.50 -7.42 -6.24
CA LEU A 21 14.12 -6.03 -5.91
C LEU A 21 14.09 -5.26 -7.22
N ALA A 22 13.23 -4.26 -7.28
CA ALA A 22 13.04 -3.40 -8.46
C ALA A 22 13.33 -1.95 -8.06
N CYS A 23 13.87 -1.19 -8.99
CA CYS A 23 14.15 0.25 -8.85
C CYS A 23 13.49 0.95 -10.02
N THR A 24 12.42 1.69 -9.77
CA THR A 24 11.63 2.34 -10.84
C THR A 24 11.89 3.84 -10.79
N VAL A 25 12.19 4.40 -11.95
CA VAL A 25 12.64 5.81 -12.08
C VAL A 25 11.54 6.61 -12.77
N SER A 26 11.49 7.89 -12.44
CA SER A 26 10.52 8.90 -12.95
C SER A 26 11.29 10.18 -13.31
N GLY A 27 11.03 10.70 -14.51
CA GLY A 27 11.55 12.01 -14.95
C GLY A 27 12.86 11.91 -15.71
N PHE A 28 13.40 10.71 -15.97
CA PHE A 28 14.63 10.55 -16.78
C PHE A 28 14.69 9.14 -17.36
N SER A 29 15.53 8.97 -18.38
CA SER A 29 15.64 7.71 -19.16
C SER A 29 16.87 6.94 -18.67
N LEU A 30 16.72 5.63 -18.45
CA LEU A 30 17.89 4.74 -18.21
C LEU A 30 18.69 4.55 -19.50
N ASN A 31 18.25 5.14 -20.61
CA ASN A 31 19.03 5.21 -21.87
C ASN A 31 20.10 6.30 -21.75
N THR A 32 19.92 7.25 -20.82
CA THR A 32 20.84 8.39 -20.59
C THR A 32 21.70 8.14 -19.36
N TYR A 33 21.11 7.70 -18.24
CA TYR A 33 21.75 7.68 -16.90
C TYR A 33 22.14 6.25 -16.47
N SER A 34 23.28 6.11 -15.80
CA SER A 34 23.69 4.86 -15.13
C SER A 34 23.03 4.81 -13.74
N MET A 35 22.81 3.61 -13.22
CA MET A 35 22.24 3.36 -11.86
C MET A 35 23.12 2.37 -11.09
N PHE A 36 23.19 2.52 -9.76
CA PHE A 36 23.93 1.56 -8.90
C PHE A 36 23.15 1.26 -7.62
N TRP A 37 23.46 0.13 -7.02
CA TRP A 37 22.81 -0.40 -5.80
C TRP A 37 23.78 -0.29 -4.62
N VAL A 38 23.25 0.15 -3.48
CA VAL A 38 23.95 0.27 -2.17
C VAL A 38 23.06 -0.42 -1.12
N ARG A 39 23.65 -1.03 -0.10
CA ARG A 39 22.87 -1.62 1.02
C ARG A 39 23.39 -1.09 2.35
N GLN A 40 22.59 -1.24 3.40
CA GLN A 40 22.91 -0.75 4.76
C GLN A 40 22.22 -1.67 5.77
N ALA A 41 23.00 -2.55 6.39
CA ALA A 41 22.47 -3.40 7.47
C ALA A 41 22.03 -2.46 8.59
N PRO A 42 21.02 -2.79 9.42
CA PRO A 42 20.60 -1.89 10.49
C PRO A 42 21.74 -1.61 11.49
N GLY A 43 21.97 -0.34 11.82
CA GLY A 43 23.07 0.08 12.72
C GLY A 43 24.42 0.20 12.03
N LYS A 44 24.71 -0.65 11.02
CA LYS A 44 25.95 -0.62 10.20
C LYS A 44 25.90 0.52 9.16
N GLY A 45 27.00 0.71 8.40
CA GLY A 45 27.15 1.73 7.35
C GLY A 45 26.82 1.24 5.95
N LEU A 46 27.14 2.09 4.97
CA LEU A 46 26.77 1.95 3.54
C LEU A 46 27.79 1.04 2.86
N GLN A 47 27.31 0.21 1.93
CA GLN A 47 28.16 -0.72 1.17
C GLN A 47 27.70 -0.75 -0.30
N TRP A 48 28.63 -0.56 -1.22
CA TRP A 48 28.37 -0.58 -2.67
C TRP A 48 28.28 -2.03 -3.15
N ILE A 49 27.32 -2.32 -4.03
CA ILE A 49 27.07 -3.68 -4.57
C ILE A 49 27.51 -3.71 -6.04
N GLY A 50 27.08 -2.73 -6.83
CA GLY A 50 27.37 -2.75 -8.26
C GLY A 50 26.60 -1.70 -9.03
N ILE A 51 26.95 -1.57 -10.32
CA ILE A 51 26.52 -0.46 -11.22
C ILE A 51 26.16 -1.05 -12.58
N ILE A 52 25.24 -0.39 -13.29
CA ILE A 52 24.86 -0.75 -14.68
C ILE A 52 24.83 0.54 -15.50
N SER A 53 25.56 0.59 -16.61
CA SER A 53 25.65 1.82 -17.42
C SER A 53 24.34 2.02 -18.19
N ASN A 54 24.19 3.19 -18.80
CA ASN A 54 23.04 3.49 -19.69
C ASN A 54 23.06 2.51 -20.87
N PHE A 55 24.23 1.95 -21.22
CA PHE A 55 24.42 1.00 -22.34
C PHE A 55 24.39 -0.45 -21.83
N GLY A 56 24.16 -0.64 -20.53
CA GLY A 56 23.84 -1.96 -19.93
C GLY A 56 25.08 -2.74 -19.59
N VAL A 57 26.21 -2.07 -19.42
CA VAL A 57 27.48 -2.71 -18.97
C VAL A 57 27.48 -2.71 -17.44
N ILE A 58 27.61 -3.88 -16.85
CA ILE A 58 27.50 -4.10 -15.37
C ILE A 58 28.89 -4.29 -14.78
N TYR A 59 29.13 -3.70 -13.62
CA TYR A 59 30.31 -3.97 -12.77
C TYR A 59 29.82 -4.22 -11.34
N TYR A 60 30.32 -5.29 -10.73
CA TYR A 60 30.02 -5.72 -9.35
C TYR A 60 31.26 -5.53 -8.46
N ALA A 61 31.06 -5.09 -7.23
CA ALA A 61 32.04 -5.22 -6.13
C ALA A 61 32.51 -6.68 -6.10
N THR A 62 33.77 -6.94 -5.72
CA THR A 62 34.37 -8.30 -5.69
C THR A 62 33.61 -9.19 -4.71
N TRP A 63 33.22 -8.68 -3.54
CA TRP A 63 32.47 -9.46 -2.52
C TRP A 63 31.08 -9.88 -3.05
N ALA A 64 30.50 -9.14 -3.99
CA ALA A 64 29.10 -9.33 -4.45
C ALA A 64 29.01 -10.36 -5.58
N LYS A 65 30.12 -10.67 -6.25
CA LYS A 65 30.14 -11.56 -7.46
C LYS A 65 29.61 -12.94 -7.05
N GLY A 66 28.61 -13.44 -7.76
CA GLY A 66 27.95 -14.71 -7.44
C GLY A 66 26.79 -14.52 -6.49
N ARG A 67 26.82 -13.51 -5.62
CA ARG A 67 25.76 -13.29 -4.60
C ARG A 67 24.63 -12.43 -5.19
N PHE A 68 24.88 -11.62 -6.22
CA PHE A 68 23.90 -10.64 -6.78
C PHE A 68 23.97 -10.59 -8.30
N THR A 69 22.81 -10.36 -8.92
CA THR A 69 22.65 -10.12 -10.39
C THR A 69 21.89 -8.80 -10.59
N ILE A 70 22.46 -7.91 -11.41
CA ILE A 70 21.80 -6.65 -11.85
C ILE A 70 21.32 -6.86 -13.29
N SER A 71 20.19 -6.26 -13.63
CA SER A 71 19.61 -6.24 -15.00
C SER A 71 18.68 -5.03 -15.12
N LYS A 72 18.28 -4.65 -16.34
CA LYS A 72 17.42 -3.45 -16.52
C LYS A 72 16.40 -3.64 -17.63
N THR A 73 15.28 -2.95 -17.50
CA THR A 73 14.23 -2.74 -18.53
C THR A 73 14.40 -1.27 -18.96
N SER A 74 13.46 -0.69 -19.71
CA SER A 74 13.54 0.72 -20.17
C SER A 74 13.38 1.67 -18.97
N THR A 75 12.65 1.26 -17.92
CA THR A 75 12.22 2.12 -16.78
C THR A 75 12.57 1.51 -15.41
N THR A 76 13.03 0.26 -15.36
CA THR A 76 13.32 -0.46 -14.09
C THR A 76 14.74 -1.02 -14.12
N VAL A 77 15.45 -0.88 -13.02
CA VAL A 77 16.74 -1.57 -12.73
C VAL A 77 16.44 -2.62 -11.66
N ASP A 78 16.87 -3.84 -11.86
CA ASP A 78 16.51 -4.98 -10.99
C ASP A 78 17.77 -5.47 -10.30
N LEU A 79 17.65 -5.88 -9.04
CA LEU A 79 18.71 -6.54 -8.27
C LEU A 79 18.17 -7.87 -7.76
N LYS A 80 18.79 -8.98 -8.17
CA LYS A 80 18.48 -10.33 -7.67
C LYS A 80 19.54 -10.76 -6.65
N ILE A 81 19.09 -11.19 -5.46
CA ILE A 81 19.90 -11.88 -4.42
C ILE A 81 19.80 -13.39 -4.69
N THR A 82 20.88 -13.98 -5.18
CA THR A 82 20.94 -15.35 -5.73
C THR A 82 20.55 -16.37 -4.65
N SER A 83 21.08 -16.22 -3.43
CA SER A 83 20.94 -17.22 -2.33
C SER A 83 21.13 -16.57 -0.95
N PRO A 84 20.13 -15.81 -0.46
CA PRO A 84 20.26 -15.03 0.76
C PRO A 84 20.71 -15.81 1.98
N THR A 85 21.42 -15.11 2.87
CA THR A 85 21.82 -15.55 4.23
C THR A 85 21.35 -14.47 5.20
N THR A 86 21.57 -14.66 6.51
CA THR A 86 21.12 -13.69 7.54
C THR A 86 21.95 -12.40 7.38
N GLU A 87 23.18 -12.52 6.86
CA GLU A 87 24.12 -11.39 6.60
C GLU A 87 23.61 -10.48 5.48
N ASP A 88 22.52 -10.83 4.79
CA ASP A 88 21.98 -10.05 3.63
C ASP A 88 20.79 -9.21 4.08
N THR A 89 20.44 -9.29 5.37
CA THR A 89 19.39 -8.44 5.99
C THR A 89 19.86 -6.99 5.96
N ALA A 90 19.21 -6.15 5.16
CA ALA A 90 19.62 -4.75 4.97
C ALA A 90 18.52 -3.96 4.25
N THR A 91 18.61 -2.64 4.33
CA THR A 91 17.90 -1.68 3.45
C THR A 91 18.69 -1.57 2.14
N TYR A 92 18.05 -1.77 1.00
CA TYR A 92 18.70 -1.72 -0.33
C TYR A 92 18.24 -0.46 -1.05
N PHE A 93 19.20 0.35 -1.50
CA PHE A 93 18.97 1.64 -2.21
C PHE A 93 19.44 1.49 -3.66
N CYS A 94 18.68 2.04 -4.60
CA CYS A 94 19.22 2.30 -5.96
C CYS A 94 19.47 3.80 -6.01
N VAL A 95 20.50 4.16 -6.76
CA VAL A 95 21.05 5.54 -6.80
C VAL A 95 21.35 5.84 -8.25
N ARG A 96 21.09 7.07 -8.66
CA ARG A 96 21.36 7.57 -10.02
C ARG A 96 22.74 8.22 -10.01
N LYS A 97 23.64 7.73 -10.86
CA LYS A 97 25.02 8.23 -11.03
C LYS A 97 24.98 9.63 -11.69
N TYR A 98 25.70 10.60 -11.11
CA TYR A 98 26.02 11.93 -11.72
C TYR A 98 27.16 11.72 -12.73
N GLY A 99 27.38 12.66 -13.64
CA GLY A 99 28.16 12.45 -14.89
C GLY A 99 29.63 12.12 -14.66
N SER A 100 30.35 12.94 -13.89
CA SER A 100 31.84 13.01 -13.83
C SER A 100 32.46 11.77 -13.15
N GLU A 101 31.79 11.22 -12.13
CA GLU A 101 32.38 10.17 -11.24
C GLU A 101 31.34 9.10 -10.97
N TRP A 102 31.75 8.00 -10.32
CA TRP A 102 30.85 6.91 -9.84
C TRP A 102 30.24 7.24 -8.47
N GLY A 103 29.72 8.47 -8.35
CA GLY A 103 28.90 8.89 -7.20
C GLY A 103 27.47 9.10 -7.63
N GLY A 104 26.56 9.22 -6.66
CA GLY A 104 25.11 9.29 -6.91
C GLY A 104 24.48 10.55 -6.35
N ASP A 105 23.64 11.24 -7.12
CA ASP A 105 23.00 12.53 -6.75
C ASP A 105 21.53 12.31 -6.32
N LEU A 106 20.86 11.25 -6.78
CA LEU A 106 19.41 10.99 -6.53
C LEU A 106 19.28 9.60 -5.93
N TRP A 107 18.82 9.49 -4.68
CA TRP A 107 18.69 8.21 -3.94
C TRP A 107 17.20 7.87 -3.79
N GLY A 108 16.84 6.60 -3.72
CA GLY A 108 15.47 6.17 -3.39
C GLY A 108 15.27 6.10 -1.87
N PRO A 109 14.04 5.87 -1.38
CA PRO A 109 13.78 5.71 0.05
C PRO A 109 14.38 4.42 0.63
N GLY A 110 14.70 3.46 -0.24
CA GLY A 110 15.29 2.17 0.15
C GLY A 110 14.19 1.17 0.47
N THR A 111 14.46 -0.12 0.32
CA THR A 111 13.48 -1.21 0.60
C THR A 111 14.14 -2.22 1.54
N LEU A 112 13.44 -2.65 2.58
CA LEU A 112 14.04 -3.47 3.66
C LEU A 112 13.87 -4.96 3.34
N VAL A 113 14.97 -5.68 3.32
CA VAL A 113 15.01 -7.16 3.16
C VAL A 113 15.39 -7.76 4.51
N THR A 114 14.58 -8.68 5.01
CA THR A 114 14.86 -9.45 6.26
C THR A 114 15.01 -10.93 5.91
N VAL A 115 16.04 -11.58 6.46
CA VAL A 115 16.35 -13.03 6.23
C VAL A 115 16.36 -13.72 7.61
N SER A 116 15.37 -14.59 7.89
CA SER A 116 15.17 -15.31 9.18
C SER A 116 16.36 -16.22 9.46
N GLU A 136 42.03 -3.82 -3.76
CA GLU A 136 40.80 -3.64 -2.95
C GLU A 136 40.99 -2.45 -2.00
N LEU A 137 40.37 -1.31 -2.30
CA LEU A 137 40.62 -0.04 -1.59
C LEU A 137 39.88 -0.06 -0.26
N ASP A 138 40.53 0.44 0.79
CA ASP A 138 39.98 0.55 2.16
C ASP A 138 39.82 2.05 2.48
N MET A 139 38.66 2.47 2.99
CA MET A 139 38.43 3.88 3.38
C MET A 139 38.31 3.97 4.90
N THR A 140 39.12 4.80 5.54
CA THR A 140 39.16 4.90 7.02
C THR A 140 38.67 6.30 7.43
N GLN A 141 37.54 6.34 8.11
CA GLN A 141 36.86 7.60 8.48
C GLN A 141 37.05 7.84 9.99
N THR A 142 37.34 9.09 10.39
CA THR A 142 37.62 9.45 11.78
C THR A 142 37.08 10.85 11.96
N PRO A 143 36.58 11.13 13.08
CA PRO A 143 36.44 10.12 14.10
C PRO A 143 35.15 9.34 13.89
N ALA A 144 34.85 8.42 14.80
CA ALA A 144 33.61 7.61 14.78
C ALA A 144 32.43 8.48 15.20
N SER A 145 32.66 9.30 16.22
CA SER A 145 31.61 10.08 16.88
C SER A 145 32.20 11.40 17.32
N VAL A 146 31.43 12.48 17.29
CA VAL A 146 31.88 13.83 17.73
C VAL A 146 30.66 14.72 17.92
N SER A 147 30.68 15.53 18.96
CA SER A 147 29.66 16.58 19.21
C SER A 147 30.40 17.90 19.39
N GLU A 148 29.90 18.98 18.78
CA GLU A 148 30.43 20.35 18.94
C GLU A 148 29.23 21.26 19.23
N PRO A 149 29.43 22.48 19.77
CA PRO A 149 28.31 23.34 20.12
C PRO A 149 27.71 24.04 18.90
N VAL A 150 26.48 24.57 19.02
CA VAL A 150 25.82 25.34 17.95
C VAL A 150 26.78 26.45 17.62
N GLY A 151 26.80 26.72 16.35
CA GLY A 151 27.82 27.67 15.96
C GLY A 151 29.21 27.05 15.94
N GLY A 152 29.36 25.82 16.44
CA GLY A 152 30.68 25.15 16.53
C GLY A 152 31.24 24.73 15.18
N THR A 153 32.32 23.95 15.20
CA THR A 153 33.00 23.40 14.02
C THR A 153 33.21 21.90 14.25
N VAL A 154 32.96 21.12 13.22
CA VAL A 154 33.29 19.67 13.19
C VAL A 154 34.16 19.41 11.98
N THR A 155 35.20 18.59 12.14
CA THR A 155 36.09 18.18 11.03
C THR A 155 36.16 16.65 11.00
N ILE A 156 35.79 16.07 9.87
CA ILE A 156 35.82 14.60 9.62
C ILE A 156 36.95 14.34 8.63
N LYS A 157 37.75 13.33 8.93
CA LYS A 157 38.92 12.93 8.12
C LYS A 157 38.60 11.59 7.48
N CYS A 158 39.00 11.41 6.24
CA CYS A 158 38.79 10.20 5.44
C CYS A 158 40.12 9.86 4.77
N GLN A 159 40.59 8.62 4.93
CA GLN A 159 41.94 8.19 4.49
C GLN A 159 41.82 6.96 3.58
N ALA A 160 42.32 7.06 2.36
CA ALA A 160 42.18 6.05 1.27
C ALA A 160 43.46 5.23 1.16
N SER A 161 43.34 3.91 1.07
CA SER A 161 44.45 2.92 0.91
C SER A 161 45.36 3.27 -0.29
N GLN A 162 44.77 3.67 -1.42
CA GLN A 162 45.50 3.99 -2.67
C GLN A 162 45.04 5.40 -3.05
N SER A 163 45.72 6.06 -3.98
CA SER A 163 45.38 7.42 -4.44
C SER A 163 44.13 7.37 -5.33
N ILE A 164 43.14 8.20 -5.01
CA ILE A 164 41.85 8.28 -5.76
C ILE A 164 41.71 9.71 -6.29
N SER A 165 42.81 10.43 -6.44
CA SER A 165 42.84 11.79 -7.01
C SER A 165 41.73 12.64 -6.39
N SER A 166 40.80 13.16 -7.18
CA SER A 166 39.72 14.06 -6.72
C SER A 166 38.37 13.30 -6.68
N TYR A 167 38.37 11.99 -6.86
CA TYR A 167 37.14 11.15 -6.94
C TYR A 167 36.65 10.80 -5.53
N LEU A 168 36.05 11.77 -4.86
CA LEU A 168 35.55 11.62 -3.46
C LEU A 168 34.24 12.38 -3.38
N ALA A 169 33.22 11.77 -2.78
CA ALA A 169 31.93 12.44 -2.49
C ALA A 169 31.67 12.34 -1.00
N TRP A 170 30.97 13.33 -0.43
CA TRP A 170 30.46 13.32 0.96
C TRP A 170 28.93 13.28 0.91
N TYR A 171 28.35 12.40 1.71
CA TYR A 171 26.88 12.23 1.90
C TYR A 171 26.50 12.50 3.36
N GLN A 172 25.30 13.07 3.52
CA GLN A 172 24.61 13.30 4.81
C GLN A 172 23.43 12.34 4.92
N GLN A 173 23.28 11.64 6.04
CA GLN A 173 22.16 10.70 6.26
C GLN A 173 21.59 10.93 7.65
N LYS A 174 20.37 11.45 7.73
CA LYS A 174 19.66 11.56 9.02
C LYS A 174 19.13 10.17 9.36
N PRO A 175 18.90 9.86 10.65
CA PRO A 175 18.33 8.56 11.02
C PRO A 175 17.00 8.19 10.32
N GLY A 176 16.96 7.01 9.70
CA GLY A 176 15.77 6.44 9.03
C GLY A 176 15.42 7.14 7.73
N GLN A 177 16.30 7.99 7.20
CA GLN A 177 16.10 8.72 5.92
C GLN A 177 17.17 8.24 4.94
N ARG A 178 17.13 8.75 3.73
CA ARG A 178 18.09 8.34 2.69
C ARG A 178 19.30 9.28 2.73
N PRO A 179 20.46 8.83 2.23
CA PRO A 179 21.61 9.70 2.06
C PRO A 179 21.30 10.85 1.11
N ARG A 180 21.89 12.02 1.38
CA ARG A 180 21.84 13.23 0.54
C ARG A 180 23.28 13.58 0.14
N LEU A 181 23.56 13.75 -1.15
CA LEU A 181 24.89 14.20 -1.63
C LEU A 181 25.12 15.66 -1.20
N LEU A 182 26.26 15.93 -0.55
CA LEU A 182 26.68 17.29 -0.15
C LEU A 182 27.75 17.77 -1.11
N ILE A 183 28.76 16.92 -1.32
CA ILE A 183 29.98 17.34 -2.04
C ILE A 183 30.41 16.19 -2.94
N TYR A 184 30.78 16.53 -4.17
CA TYR A 184 31.36 15.62 -5.18
C TYR A 184 32.65 16.27 -5.70
N GLU A 185 33.48 15.48 -6.37
CA GLU A 185 34.81 15.92 -6.90
C GLU A 185 35.60 16.61 -5.78
N THR A 186 35.60 16.03 -4.57
CA THR A 186 36.40 16.47 -3.39
C THR A 186 35.85 17.76 -2.75
N SER A 187 35.62 18.81 -3.53
CA SER A 187 35.34 20.17 -3.00
C SER A 187 34.11 20.82 -3.64
N THR A 188 33.54 20.25 -4.71
CA THR A 188 32.40 20.88 -5.44
C THR A 188 31.12 20.66 -4.65
N LEU A 189 30.40 21.74 -4.40
CA LEU A 189 29.17 21.71 -3.57
C LEU A 189 27.98 21.35 -4.45
N ALA A 190 27.19 20.38 -4.02
CA ALA A 190 25.92 19.99 -4.68
C ALA A 190 24.93 21.16 -4.56
N SER A 191 23.93 21.16 -5.44
CA SER A 191 22.87 22.20 -5.50
C SER A 191 22.11 22.23 -4.16
N GLY A 192 21.93 23.42 -3.59
CA GLY A 192 21.12 23.63 -2.38
C GLY A 192 21.92 23.48 -1.09
N VAL A 193 23.13 22.92 -1.14
CA VAL A 193 24.00 22.69 0.06
C VAL A 193 24.67 24.01 0.42
N PRO A 194 24.58 24.47 1.69
CA PRO A 194 25.16 25.77 2.06
C PRO A 194 26.70 25.70 2.21
N SER A 195 27.39 26.83 2.08
CA SER A 195 28.88 26.93 2.00
C SER A 195 29.54 26.62 3.36
N ARG A 196 28.78 26.55 4.45
CA ARG A 196 29.21 26.03 5.78
C ARG A 196 29.90 24.66 5.64
N PHE A 197 29.50 23.86 4.65
CA PHE A 197 30.12 22.55 4.32
C PHE A 197 31.28 22.82 3.37
N LYS A 198 32.49 22.50 3.81
CA LYS A 198 33.71 22.70 3.02
C LYS A 198 34.42 21.35 2.91
N GLY A 199 34.65 20.92 1.66
CA GLY A 199 35.41 19.71 1.35
C GLY A 199 36.77 20.07 0.77
N SER A 200 37.78 19.29 1.10
CA SER A 200 39.17 19.50 0.68
C SER A 200 39.91 18.17 0.78
N GLY A 201 41.02 18.07 0.07
CA GLY A 201 41.85 16.85 0.11
C GLY A 201 42.43 16.62 -1.25
N SER A 202 43.26 15.60 -1.36
CA SER A 202 43.81 15.11 -2.64
C SER A 202 44.44 13.76 -2.39
N GLY A 203 44.19 12.79 -3.27
CA GLY A 203 44.92 11.52 -3.33
C GLY A 203 44.43 10.56 -2.28
N THR A 204 44.96 10.67 -1.06
CA THR A 204 44.76 9.70 0.06
C THR A 204 44.18 10.38 1.30
N GLU A 205 44.26 11.70 1.42
CA GLU A 205 43.83 12.43 2.63
C GLU A 205 42.73 13.41 2.23
N PHE A 206 41.56 13.28 2.86
CA PHE A 206 40.37 14.13 2.59
C PHE A 206 39.71 14.55 3.91
N THR A 207 39.14 15.75 3.93
CA THR A 207 38.45 16.27 5.13
C THR A 207 37.16 16.99 4.74
N LEU A 208 36.15 16.88 5.59
CA LEU A 208 34.92 17.69 5.50
C LEU A 208 34.84 18.51 6.77
N THR A 209 34.61 19.82 6.64
CA THR A 209 34.46 20.74 7.79
C THR A 209 33.10 21.41 7.72
N ILE A 210 32.34 21.25 8.80
CA ILE A 210 31.02 21.91 8.98
C ILE A 210 31.25 23.07 9.94
N SER A 211 31.19 24.28 9.39
CA SER A 211 31.31 25.54 10.14
C SER A 211 29.88 25.99 10.54
N ASP A 212 29.76 26.88 11.53
CA ASP A 212 28.48 27.44 12.05
C ASP A 212 27.41 26.35 12.16
N LEU A 213 27.72 25.34 12.97
CA LEU A 213 26.87 24.14 13.19
C LEU A 213 25.46 24.57 13.60
N GLU A 214 24.47 23.78 13.19
CA GLU A 214 23.04 24.05 13.50
C GLU A 214 22.39 22.78 14.03
N CYS A 215 21.12 22.85 14.38
CA CYS A 215 20.35 21.68 14.84
C CYS A 215 20.30 20.66 13.70
N ALA A 216 20.01 21.17 12.50
CA ALA A 216 19.78 20.40 11.26
C ALA A 216 21.08 19.81 10.70
N ASP A 217 22.18 19.84 11.45
CA ASP A 217 23.44 19.23 10.93
C ASP A 217 23.65 17.88 11.58
N ALA A 218 22.92 17.59 12.66
CA ALA A 218 22.99 16.30 13.38
C ALA A 218 22.61 15.19 12.41
N ALA A 219 23.54 14.30 12.13
CA ALA A 219 23.39 13.23 11.13
C ALA A 219 24.59 12.32 11.17
N THR A 220 24.55 11.27 10.36
CA THR A 220 25.73 10.43 10.04
C THR A 220 26.31 10.93 8.69
N TYR A 221 27.63 11.14 8.48
CA TYR A 221 28.30 11.65 7.24
C TYR A 221 29.17 10.50 6.75
N TYR A 222 29.17 10.27 5.45
CA TYR A 222 29.97 9.19 4.82
C TYR A 222 30.78 9.78 3.69
N CYS A 223 32.04 9.42 3.60
CA CYS A 223 32.88 9.68 2.40
C CYS A 223 32.74 8.45 1.50
N GLN A 224 32.88 8.63 0.19
CA GLN A 224 32.82 7.52 -0.79
C GLN A 224 33.85 7.81 -1.87
N SER A 225 34.69 6.82 -2.16
CA SER A 225 35.54 6.83 -3.37
C SER A 225 34.63 6.69 -4.58
N THR A 226 34.67 7.67 -5.48
CA THR A 226 33.86 7.69 -6.71
C THR A 226 34.79 7.41 -7.89
N TYR A 227 35.95 6.83 -7.62
CA TYR A 227 36.89 6.40 -8.69
C TYR A 227 36.15 5.40 -9.61
N GLU A 228 36.35 5.47 -10.93
CA GLU A 228 35.53 4.76 -11.96
C GLU A 228 36.07 3.34 -12.17
N ASN A 229 36.12 2.54 -11.11
CA ASN A 229 36.59 1.12 -11.16
C ASN A 229 35.95 0.38 -10.00
N PRO A 230 35.32 -0.81 -10.19
CA PRO A 230 34.64 -1.50 -9.10
C PRO A 230 35.51 -1.94 -7.89
N THR A 231 36.82 -2.04 -8.10
CA THR A 231 37.84 -2.38 -7.08
C THR A 231 38.03 -1.19 -6.14
N TYR A 232 37.77 0.01 -6.66
CA TYR A 232 38.17 1.29 -6.00
C TYR A 232 36.96 1.98 -5.38
N VAL A 233 35.75 1.52 -5.68
CA VAL A 233 34.53 2.19 -5.17
C VAL A 233 34.33 1.67 -3.76
N SER A 234 34.31 2.59 -2.79
CA SER A 234 34.30 2.22 -1.37
C SER A 234 33.68 3.36 -0.55
N PHE A 235 32.96 2.97 0.48
CA PHE A 235 32.32 3.88 1.47
C PHE A 235 33.13 3.86 2.74
N GLY A 236 33.27 5.00 3.41
CA GLY A 236 33.79 5.07 4.78
C GLY A 236 32.81 4.44 5.76
N GLY A 237 33.26 4.22 7.00
CA GLY A 237 32.47 3.55 8.05
C GLY A 237 31.40 4.47 8.62
N GLY A 238 31.46 5.78 8.34
CA GLY A 238 30.53 6.77 8.88
C GLY A 238 31.10 7.55 10.01
N THR A 239 30.39 8.57 10.26
CA THR A 239 30.74 9.43 11.38
C THR A 239 29.44 9.97 11.97
N GLU A 240 29.07 9.56 13.18
CA GLU A 240 27.95 10.20 13.92
C GLU A 240 28.40 11.63 14.28
N VAL A 241 27.68 12.65 13.85
CA VAL A 241 27.91 14.04 14.31
C VAL A 241 26.74 14.49 15.19
N GLY A 242 27.04 14.85 16.43
CA GLY A 242 26.05 15.46 17.34
C GLY A 242 26.27 16.95 17.47
N VAL A 243 25.27 17.64 18.01
CA VAL A 243 25.33 19.09 18.36
C VAL A 243 24.98 19.24 19.84
N LYS A 244 25.87 19.85 20.61
CA LYS A 244 25.70 20.02 22.07
C LYS A 244 24.69 21.14 22.37
N SER A 245 23.98 21.04 23.48
CA SER A 245 22.94 22.01 23.92
C SER A 245 22.55 21.76 25.37
N ALA B 2 6.18 25.30 1.71
CA ALA B 2 5.19 24.21 1.44
C ALA B 2 4.37 23.93 2.71
N GLN B 3 3.07 23.72 2.55
CA GLN B 3 2.16 23.36 3.66
C GLN B 3 2.01 21.84 3.70
N SER B 4 2.23 21.20 4.86
CA SER B 4 2.08 19.73 5.02
C SER B 4 1.62 19.35 6.44
N VAL B 5 1.26 18.09 6.59
CA VAL B 5 0.66 17.52 7.83
C VAL B 5 1.25 16.12 7.98
N GLU B 6 1.56 15.71 9.21
CA GLU B 6 2.12 14.37 9.48
C GLU B 6 1.72 13.85 10.87
N GLU B 7 1.21 12.63 10.91
CA GLU B 7 0.75 11.93 12.14
C GLU B 7 1.88 11.05 12.62
N SER B 8 1.84 10.68 13.91
CA SER B 8 2.87 9.86 14.60
C SER B 8 2.26 9.30 15.89
N GLY B 9 2.72 8.13 16.33
CA GLY B 9 2.32 7.56 17.63
C GLY B 9 1.77 6.15 17.49
N GLY B 10 1.48 5.75 16.25
CA GLY B 10 0.87 4.45 15.94
C GLY B 10 1.81 3.30 16.23
N ARG B 11 1.28 2.23 16.81
CA ARG B 11 2.06 1.03 17.21
C ARG B 11 1.09 -0.06 17.68
N LEU B 12 1.62 -1.25 17.91
CA LEU B 12 0.87 -2.40 18.49
C LEU B 12 0.67 -2.12 19.98
N VAL B 13 -0.46 -2.53 20.54
CA VAL B 13 -0.87 -2.23 21.94
C VAL B 13 -1.84 -3.33 22.37
N THR B 14 -1.98 -3.57 23.67
CA THR B 14 -2.89 -4.61 24.23
C THR B 14 -4.19 -3.90 24.62
N PRO B 15 -5.35 -4.57 24.49
CA PRO B 15 -6.63 -3.94 24.83
C PRO B 15 -6.59 -3.26 26.19
N GLY B 16 -7.08 -2.02 26.26
CA GLY B 16 -7.22 -1.26 27.51
C GLY B 16 -6.04 -0.33 27.78
N THR B 17 -4.86 -0.63 27.21
CA THR B 17 -3.63 0.21 27.31
C THR B 17 -3.85 1.53 26.56
N PRO B 18 -4.01 2.70 27.23
CA PRO B 18 -4.23 3.97 26.53
C PRO B 18 -3.07 4.38 25.62
N LEU B 19 -3.36 5.16 24.58
CA LEU B 19 -2.38 5.51 23.52
C LEU B 19 -2.68 6.91 23.02
N THR B 20 -1.64 7.72 22.79
CA THR B 20 -1.77 9.09 22.23
C THR B 20 -1.06 9.17 20.88
N LEU B 21 -1.76 9.75 19.91
CA LEU B 21 -1.25 10.05 18.56
C LEU B 21 -1.07 11.55 18.47
N ALA B 22 -0.11 11.98 17.66
CA ALA B 22 0.23 13.38 17.44
C ALA B 22 0.07 13.70 15.96
N CYS B 23 -0.34 14.92 15.67
CA CYS B 23 -0.48 15.46 14.30
C CYS B 23 0.31 16.76 14.27
N THR B 24 1.43 16.78 13.57
CA THR B 24 2.35 17.94 13.52
C THR B 24 2.24 18.59 12.17
N VAL B 25 2.07 19.90 12.16
CA VAL B 25 1.77 20.68 10.94
C VAL B 25 2.98 21.55 10.61
N SER B 26 3.14 21.84 9.32
CA SER B 26 4.23 22.64 8.73
C SER B 26 3.63 23.61 7.71
N GLY B 27 3.99 24.89 7.81
CA GLY B 27 3.63 25.92 6.81
C GLY B 27 2.35 26.67 7.15
N PHE B 28 1.71 26.40 8.29
CA PHE B 28 0.52 27.18 8.72
C PHE B 28 0.33 27.07 10.24
N SER B 29 -0.46 27.98 10.79
CA SER B 29 -0.67 28.12 12.25
C SER B 29 -1.99 27.46 12.64
N LEU B 30 -1.99 26.67 13.71
CA LEU B 30 -3.24 26.15 14.31
C LEU B 30 -4.00 27.29 15.00
N ASN B 31 -3.45 28.50 15.03
CA ASN B 31 -4.15 29.72 15.49
C ASN B 31 -5.10 30.20 14.38
N THR B 32 -4.87 29.78 13.14
CA THR B 32 -5.69 30.19 11.95
C THR B 32 -6.64 29.05 11.56
N TYR B 33 -6.14 27.81 11.48
CA TYR B 33 -6.86 26.66 10.84
C TYR B 33 -7.40 25.68 11.88
N SER B 34 -8.58 25.12 11.63
CA SER B 34 -9.17 24.00 12.41
C SER B 34 -8.57 22.68 11.87
N MET B 35 -8.51 21.65 12.72
CA MET B 35 -8.03 20.29 12.36
C MET B 35 -9.05 19.24 12.82
N PHE B 36 -9.17 18.12 12.09
CA PHE B 36 -10.06 17.01 12.49
C PHE B 36 -9.36 15.66 12.23
N TRP B 37 -9.84 14.64 12.94
CA TRP B 37 -9.30 13.26 12.90
C TRP B 37 -10.31 12.35 12.20
N VAL B 38 -9.80 11.49 11.32
CA VAL B 38 -10.55 10.44 10.58
C VAL B 38 -9.79 9.12 10.78
N ARG B 39 -10.49 7.99 10.82
CA ARG B 39 -9.83 6.66 10.89
C ARG B 39 -10.37 5.76 9.77
N GLN B 40 -9.64 4.69 9.49
CA GLN B 40 -9.98 3.72 8.41
C GLN B 40 -9.45 2.35 8.81
N ALA B 41 -10.34 1.47 9.27
CA ALA B 41 -9.95 0.08 9.57
C ALA B 41 -9.49 -0.54 8.26
N PRO B 42 -8.57 -1.52 8.26
CA PRO B 42 -8.11 -2.13 7.01
C PRO B 42 -9.28 -2.79 6.23
N GLY B 43 -9.41 -2.50 4.94
CA GLY B 43 -10.49 -3.02 4.09
C GLY B 43 -11.77 -2.20 4.19
N LYS B 44 -12.09 -1.64 5.37
CA LYS B 44 -13.28 -0.77 5.63
C LYS B 44 -13.04 0.66 5.08
N GLY B 45 -14.07 1.52 5.18
CA GLY B 45 -14.05 2.92 4.74
C GLY B 45 -13.71 3.92 5.83
N LEU B 46 -13.89 5.20 5.49
CA LEU B 46 -13.46 6.38 6.30
C LEU B 46 -14.53 6.67 7.35
N GLN B 47 -14.10 7.08 8.53
CA GLN B 47 -15.00 7.43 9.65
C GLN B 47 -14.47 8.67 10.38
N TRP B 48 -15.34 9.66 10.55
CA TRP B 48 -15.00 10.92 11.25
C TRP B 48 -15.03 10.69 12.76
N ILE B 49 -14.07 11.25 13.49
CA ILE B 49 -13.93 11.10 14.97
C ILE B 49 -14.30 12.42 15.62
N GLY B 50 -13.74 13.53 15.14
CA GLY B 50 -13.96 14.83 15.80
C GLY B 50 -13.04 15.90 15.27
N ILE B 51 -13.30 17.14 15.70
CA ILE B 51 -12.72 18.40 15.16
C ILE B 51 -12.35 19.32 16.32
N ILE B 52 -11.33 20.15 16.13
CA ILE B 52 -10.91 21.20 17.11
C ILE B 52 -10.72 22.50 16.33
N SER B 53 -11.38 23.58 16.74
CA SER B 53 -11.31 24.86 16.01
C SER B 53 -9.94 25.50 16.27
N ASN B 54 -9.64 26.57 15.53
CA ASN B 54 -8.42 27.38 15.75
C ASN B 54 -8.48 28.00 17.16
N PHE B 55 -9.68 28.16 17.72
CA PHE B 55 -9.91 28.75 19.07
C PHE B 55 -10.06 27.65 20.13
N GLY B 56 -9.92 26.38 19.72
CA GLY B 56 -9.77 25.22 20.64
C GLY B 56 -11.10 24.68 21.10
N VAL B 57 -12.16 24.95 20.34
CA VAL B 57 -13.50 24.38 20.62
C VAL B 57 -13.58 23.02 19.92
N ILE B 58 -13.87 21.98 20.68
CA ILE B 58 -13.85 20.55 20.21
C ILE B 58 -15.30 20.07 20.02
N TYR B 59 -15.53 19.33 18.95
CA TYR B 59 -16.77 18.56 18.71
C TYR B 59 -16.38 17.13 18.33
N TYR B 60 -17.02 16.16 18.97
CA TYR B 60 -16.83 14.70 18.74
C TYR B 60 -18.10 14.13 18.09
N ALA B 61 -17.91 13.20 17.14
CA ALA B 61 -18.96 12.26 16.69
C ALA B 61 -19.57 11.61 17.93
N THR B 62 -20.87 11.28 17.91
CA THR B 62 -21.62 10.69 19.06
C THR B 62 -20.99 9.35 19.46
N TRP B 63 -20.61 8.51 18.50
CA TRP B 63 -20.00 7.18 18.78
C TRP B 63 -18.65 7.33 19.49
N ALA B 64 -17.94 8.45 19.30
CA ALA B 64 -16.54 8.65 19.79
C ALA B 64 -16.50 9.18 21.22
N LYS B 65 -17.61 9.74 21.72
CA LYS B 65 -17.65 10.42 23.06
C LYS B 65 -17.29 9.40 24.13
N GLY B 66 -16.30 9.71 24.96
CA GLY B 66 -15.80 8.81 26.00
C GLY B 66 -14.69 7.92 25.48
N ARG B 67 -14.66 7.61 24.18
CA ARG B 67 -13.63 6.71 23.60
C ARG B 67 -12.38 7.50 23.19
N PHE B 68 -12.49 8.81 22.92
CA PHE B 68 -11.39 9.65 22.37
C PHE B 68 -11.38 11.04 23.01
N THR B 69 -10.17 11.59 23.17
CA THR B 69 -9.91 12.97 23.62
C THR B 69 -9.02 13.67 22.60
N ILE B 70 -9.44 14.85 22.14
CA ILE B 70 -8.64 15.75 21.27
C ILE B 70 -8.11 16.90 22.14
N SER B 71 -6.90 17.37 21.84
CA SER B 71 -6.25 18.53 22.49
C SER B 71 -5.21 19.10 21.53
N LYS B 72 -4.70 20.31 21.77
CA LYS B 72 -3.72 20.93 20.84
C LYS B 72 -2.66 21.74 21.60
N THR B 73 -1.49 21.83 20.99
CA THR B 73 -0.37 22.74 21.34
C THR B 73 -0.36 23.80 20.23
N SER B 74 0.68 24.63 20.13
CA SER B 74 0.77 25.68 19.07
C SER B 74 0.98 25.03 17.69
N THR B 75 1.59 23.84 17.63
CA THR B 75 2.05 23.17 16.38
C THR B 75 1.57 21.72 16.27
N THR B 76 0.97 21.15 17.33
CA THR B 76 0.55 19.73 17.37
C THR B 76 -0.92 19.64 17.78
N VAL B 77 -1.67 18.78 17.11
CA VAL B 77 -3.04 18.34 17.51
C VAL B 77 -2.91 16.90 17.96
N ASP B 78 -3.45 16.56 19.12
CA ASP B 78 -3.26 15.23 19.76
C ASP B 78 -4.59 14.53 19.79
N LEU B 79 -4.57 13.21 19.60
CA LEU B 79 -5.74 12.32 19.76
C LEU B 79 -5.37 11.22 20.75
N LYS B 80 -6.07 11.16 21.87
CA LYS B 80 -5.94 10.07 22.87
C LYS B 80 -7.08 9.07 22.71
N ILE B 81 -6.74 7.79 22.58
CA ILE B 81 -7.67 6.63 22.67
C ILE B 81 -7.71 6.19 24.15
N THR B 82 -8.82 6.47 24.81
CA THR B 82 -9.00 6.34 26.28
C THR B 82 -8.77 4.89 26.72
N SER B 83 -9.34 3.91 26.00
CA SER B 83 -9.35 2.48 26.40
C SER B 83 -9.55 1.56 25.19
N PRO B 84 -8.50 1.37 24.36
CA PRO B 84 -8.62 0.65 23.11
C PRO B 84 -9.21 -0.76 23.20
N THR B 85 -9.89 -1.17 22.13
CA THR B 85 -10.39 -2.53 21.88
C THR B 85 -9.87 -2.96 20.50
N THR B 86 -10.16 -4.17 20.07
CA THR B 86 -9.67 -4.71 18.76
C THR B 86 -10.35 -3.91 17.64
N GLU B 87 -11.56 -3.39 17.90
CA GLU B 87 -12.37 -2.57 16.93
C GLU B 87 -11.71 -1.21 16.68
N ASP B 88 -10.63 -0.85 17.37
CA ASP B 88 -9.96 0.48 17.25
C ASP B 88 -8.72 0.35 16.38
N THR B 89 -8.44 -0.87 15.89
CA THR B 89 -7.34 -1.14 14.93
C THR B 89 -7.65 -0.42 13.63
N ALA B 90 -6.87 0.60 13.28
CA ALA B 90 -7.13 1.44 12.10
C ALA B 90 -5.92 2.33 11.80
N THR B 91 -5.88 2.86 10.59
CA THR B 91 -5.03 4.01 10.18
C THR B 91 -5.73 5.30 10.62
N TYR B 92 -5.06 6.16 11.36
CA TYR B 92 -5.63 7.43 11.88
C TYR B 92 -5.01 8.60 11.11
N PHE B 93 -5.86 9.44 10.52
CA PHE B 93 -5.46 10.63 9.72
C PHE B 93 -5.86 11.89 10.48
N CYS B 94 -5.01 12.91 10.48
CA CYS B 94 -5.44 14.29 10.83
C CYS B 94 -5.53 15.02 9.50
N VAL B 95 -6.48 15.95 9.44
CA VAL B 95 -6.88 16.65 8.21
C VAL B 95 -7.07 18.11 8.58
N ARG B 96 -6.67 18.99 7.68
CA ARG B 96 -6.82 20.46 7.84
C ARG B 96 -8.12 20.87 7.17
N LYS B 97 -9.03 21.49 7.92
CA LYS B 97 -10.34 22.00 7.46
C LYS B 97 -10.11 23.20 6.52
N TYR B 98 -10.75 23.19 5.34
CA TYR B 98 -10.90 24.36 4.41
C TYR B 98 -12.00 25.27 4.98
N GLY B 99 -12.09 26.52 4.54
CA GLY B 99 -12.82 27.60 5.24
C GLY B 99 -14.32 27.38 5.33
N SER B 100 -14.99 27.14 4.19
CA SER B 100 -16.46 27.25 4.00
C SER B 100 -17.25 26.15 4.75
N GLU B 101 -16.70 24.93 4.83
CA GLU B 101 -17.43 23.73 5.31
C GLU B 101 -16.52 22.91 6.22
N TRP B 102 -17.07 21.88 6.86
CA TRP B 102 -16.32 20.88 7.68
C TRP B 102 -15.74 19.76 6.80
N GLY B 103 -15.11 20.15 5.69
CA GLY B 103 -14.31 19.24 4.85
C GLY B 103 -12.85 19.59 4.97
N GLY B 104 -11.98 18.69 4.48
CA GLY B 104 -10.51 18.81 4.64
C GLY B 104 -9.80 18.82 3.30
N ASP B 105 -8.84 19.75 3.11
CA ASP B 105 -8.09 19.92 1.83
C ASP B 105 -6.68 19.31 1.95
N LEU B 106 -6.09 19.18 3.13
CA LEU B 106 -4.70 18.71 3.35
C LEU B 106 -4.74 17.53 4.34
N TRP B 107 -4.37 16.33 3.89
CA TRP B 107 -4.40 15.09 4.69
C TRP B 107 -2.96 14.66 5.03
N GLY B 108 -2.75 13.99 6.16
CA GLY B 108 -1.45 13.38 6.48
C GLY B 108 -1.35 11.98 5.87
N PRO B 109 -0.16 11.33 5.93
CA PRO B 109 0.00 9.95 5.44
C PRO B 109 -0.77 8.92 6.29
N GLY B 110 -1.13 9.29 7.52
CA GLY B 110 -1.87 8.43 8.45
C GLY B 110 -0.89 7.59 9.26
N THR B 111 -1.29 7.17 10.45
CA THR B 111 -0.44 6.35 11.36
C THR B 111 -1.26 5.11 11.77
N LEU B 112 -0.65 3.93 11.74
CA LEU B 112 -1.39 2.67 11.94
C LEU B 112 -1.36 2.27 13.41
N VAL B 113 -2.53 2.07 13.99
CA VAL B 113 -2.71 1.55 15.38
C VAL B 113 -3.21 0.12 15.27
N THR B 114 -2.53 -0.82 15.93
CA THR B 114 -2.95 -2.25 16.02
C THR B 114 -3.23 -2.57 17.48
N VAL B 115 -4.36 -3.26 17.75
CA VAL B 115 -4.80 -3.69 19.11
C VAL B 115 -4.95 -5.23 19.10
N SER B 116 -4.07 -5.95 19.81
CA SER B 116 -4.01 -7.44 19.88
C SER B 116 -5.30 -7.99 20.48
N GLU B 136 -28.87 11.72 13.67
CA GLU B 136 -27.67 10.96 13.21
C GLU B 136 -27.78 10.67 11.72
N LEU B 137 -27.04 11.39 10.89
CA LEU B 137 -27.17 11.34 9.41
C LEU B 137 -26.51 10.08 8.89
N ASP B 138 -27.15 9.44 7.92
CA ASP B 138 -26.65 8.22 7.24
C ASP B 138 -26.35 8.57 5.78
N MET B 139 -25.19 8.21 5.25
CA MET B 139 -24.82 8.46 3.84
C MET B 139 -24.77 7.14 3.09
N THR B 140 -25.52 7.01 1.99
CA THR B 140 -25.62 5.76 1.22
C THR B 140 -25.01 5.97 -0.15
N GLN B 141 -23.91 5.27 -0.42
CA GLN B 141 -23.13 5.43 -1.67
C GLN B 141 -23.38 4.24 -2.58
N THR B 142 -23.56 4.45 -3.87
CA THR B 142 -23.85 3.40 -4.87
C THR B 142 -23.17 3.78 -6.18
N PRO B 143 -22.58 2.82 -6.91
CA PRO B 143 -22.53 1.42 -6.50
C PRO B 143 -21.32 1.20 -5.58
N ALA B 144 -21.15 -0.02 -5.09
CA ALA B 144 -20.02 -0.39 -4.19
C ALA B 144 -18.74 -0.49 -5.04
N SER B 145 -18.87 -1.08 -6.21
CA SER B 145 -17.73 -1.44 -7.06
C SER B 145 -18.18 -1.29 -8.51
N VAL B 146 -17.28 -0.89 -9.39
CA VAL B 146 -17.55 -0.73 -10.84
C VAL B 146 -16.21 -0.62 -11.58
N SER B 147 -16.13 -1.26 -12.74
CA SER B 147 -15.01 -1.10 -13.71
C SER B 147 -15.61 -0.71 -15.05
N GLU B 148 -15.02 0.28 -15.71
CA GLU B 148 -15.41 0.74 -17.07
C GLU B 148 -14.13 0.80 -17.89
N PRO B 149 -14.20 0.85 -19.25
CA PRO B 149 -12.99 0.86 -20.06
C PRO B 149 -12.34 2.25 -20.12
N VAL B 150 -11.07 2.33 -20.53
CA VAL B 150 -10.37 3.63 -20.73
C VAL B 150 -11.23 4.47 -21.68
N GLY B 151 -11.47 5.75 -21.38
CA GLY B 151 -12.34 6.64 -22.17
C GLY B 151 -13.80 6.57 -21.73
N GLY B 152 -14.14 5.63 -20.86
CA GLY B 152 -15.52 5.40 -20.40
C GLY B 152 -16.05 6.51 -19.50
N THR B 153 -17.23 6.27 -18.90
CA THR B 153 -17.89 7.16 -17.93
C THR B 153 -18.31 6.33 -16.72
N VAL B 154 -18.09 6.89 -15.54
CA VAL B 154 -18.56 6.29 -14.27
C VAL B 154 -19.40 7.34 -13.54
N THR B 155 -20.51 6.92 -12.96
CA THR B 155 -21.40 7.82 -12.16
C THR B 155 -21.62 7.17 -10.80
N ILE B 156 -21.27 7.89 -9.75
CA ILE B 156 -21.44 7.45 -8.33
C ILE B 156 -22.53 8.32 -7.73
N LYS B 157 -23.45 7.68 -7.03
CA LYS B 157 -24.61 8.33 -6.39
C LYS B 157 -24.41 8.26 -4.89
N CYS B 158 -24.75 9.34 -4.19
CA CYS B 158 -24.63 9.48 -2.73
C CYS B 158 -25.95 10.06 -2.22
N GLN B 159 -26.55 9.41 -1.22
CA GLN B 159 -27.92 9.73 -0.74
C GLN B 159 -27.89 9.97 0.77
N ALA B 160 -28.31 11.16 1.21
CA ALA B 160 -28.21 11.66 2.59
C ALA B 160 -29.57 11.50 3.28
N SER B 161 -29.59 10.98 4.52
CA SER B 161 -30.79 10.78 5.39
C SER B 161 -31.59 12.09 5.57
N GLN B 162 -30.91 13.22 5.76
CA GLN B 162 -31.54 14.55 5.98
C GLN B 162 -30.92 15.47 4.94
N SER B 163 -31.48 16.66 4.73
CA SER B 163 -30.97 17.65 3.75
C SER B 163 -29.70 18.30 4.28
N ILE B 164 -28.63 18.29 3.47
CA ILE B 164 -27.31 18.88 3.83
C ILE B 164 -26.99 19.97 2.80
N SER B 165 -28.00 20.52 2.16
CA SER B 165 -27.87 21.65 1.21
C SER B 165 -26.70 21.38 0.25
N SER B 166 -25.69 22.23 0.22
CA SER B 166 -24.53 22.12 -0.70
C SER B 166 -23.28 21.62 0.03
N TYR B 167 -23.40 21.19 1.29
CA TYR B 167 -22.27 20.78 2.14
C TYR B 167 -21.89 19.32 1.86
N LEU B 168 -21.22 19.10 0.73
CA LEU B 168 -20.82 17.74 0.26
C LEU B 168 -19.43 17.88 -0.35
N ALA B 169 -18.52 17.00 -0.01
CA ALA B 169 -17.19 16.92 -0.65
C ALA B 169 -17.01 15.53 -1.21
N TRP B 170 -16.24 15.40 -2.30
CA TRP B 170 -15.81 14.11 -2.89
C TRP B 170 -14.29 14.00 -2.73
N TYR B 171 -13.84 12.84 -2.27
CA TYR B 171 -12.42 12.46 -2.10
C TYR B 171 -12.08 11.24 -2.97
N GLN B 172 -10.84 11.24 -3.46
CA GLN B 172 -10.19 10.13 -4.21
C GLN B 172 -9.13 9.50 -3.31
N GLN B 173 -9.10 8.17 -3.20
CA GLN B 173 -8.10 7.45 -2.38
C GLN B 173 -7.57 6.26 -3.16
N LYS B 174 -6.31 6.31 -3.57
CA LYS B 174 -5.66 5.14 -4.19
C LYS B 174 -5.31 4.17 -3.08
N PRO B 175 -5.17 2.86 -3.38
CA PRO B 175 -4.77 1.90 -2.35
C PRO B 175 -3.45 2.23 -1.61
N GLY B 176 -3.50 2.26 -0.28
CA GLY B 176 -2.35 2.48 0.62
C GLY B 176 -1.86 3.92 0.61
N GLN B 177 -2.62 4.86 0.03
CA GLN B 177 -2.27 6.30 -0.02
C GLN B 177 -3.34 7.06 0.76
N ARG B 178 -3.18 8.37 0.85
CA ARG B 178 -4.13 9.21 1.61
C ARG B 178 -5.23 9.70 0.68
N PRO B 179 -6.41 10.04 1.23
CA PRO B 179 -7.46 10.69 0.45
C PRO B 179 -6.97 12.03 -0.12
N ARG B 180 -7.45 12.36 -1.32
CA ARG B 180 -7.23 13.65 -2.02
C ARG B 180 -8.60 14.29 -2.26
N LEU B 181 -8.80 15.54 -1.83
CA LEU B 181 -10.05 16.30 -2.12
C LEU B 181 -10.16 16.59 -3.62
N LEU B 182 -11.28 16.24 -4.23
CA LEU B 182 -11.58 16.53 -5.66
C LEU B 182 -12.55 17.69 -5.72
N ILE B 183 -13.62 17.59 -4.95
CA ILE B 183 -14.77 18.53 -5.07
C ILE B 183 -15.26 18.87 -3.67
N TYR B 184 -15.53 20.14 -3.45
CA TYR B 184 -16.16 20.68 -2.22
C TYR B 184 -17.34 21.56 -2.65
N GLU B 185 -18.22 21.87 -1.70
CA GLU B 185 -19.45 22.67 -1.95
C GLU B 185 -20.22 22.04 -3.12
N THR B 186 -20.36 20.71 -3.16
CA THR B 186 -21.16 19.93 -4.15
C THR B 186 -20.51 19.88 -5.53
N SER B 187 -20.14 21.03 -6.10
CA SER B 187 -19.75 21.14 -7.52
C SER B 187 -18.42 21.89 -7.73
N THR B 188 -17.86 22.53 -6.70
CA THR B 188 -16.63 23.36 -6.85
C THR B 188 -15.43 22.43 -6.93
N LEU B 189 -14.61 22.64 -7.95
CA LEU B 189 -13.44 21.77 -8.22
C LEU B 189 -12.25 22.28 -7.42
N ALA B 190 -11.59 21.40 -6.69
CA ALA B 190 -10.33 21.69 -5.96
C ALA B 190 -9.23 22.02 -6.99
N SER B 191 -8.19 22.72 -6.54
CA SER B 191 -7.02 23.15 -7.36
C SER B 191 -6.34 21.90 -7.94
N GLY B 192 -6.07 21.89 -9.25
CA GLY B 192 -5.30 20.83 -9.92
C GLY B 192 -6.16 19.68 -10.40
N VAL B 193 -7.43 19.59 -9.97
CA VAL B 193 -8.37 18.50 -10.36
C VAL B 193 -8.91 18.82 -11.75
N PRO B 194 -8.85 17.89 -12.73
CA PRO B 194 -9.30 18.17 -14.09
C PRO B 194 -10.84 18.16 -14.19
N SER B 195 -11.41 18.84 -15.21
CA SER B 195 -12.88 19.09 -15.36
C SER B 195 -13.64 17.80 -15.74
N ARG B 196 -12.93 16.73 -16.12
CA ARG B 196 -13.49 15.35 -16.28
C ARG B 196 -14.30 14.93 -15.06
N PHE B 197 -13.94 15.42 -13.87
CA PHE B 197 -14.67 15.19 -12.60
C PHE B 197 -15.76 16.26 -12.50
N LYS B 198 -17.01 15.84 -12.49
CA LYS B 198 -18.17 16.74 -12.40
C LYS B 198 -19.00 16.31 -11.21
N GLY B 199 -19.21 17.24 -10.27
CA GLY B 199 -20.08 17.06 -9.10
C GLY B 199 -21.35 17.86 -9.25
N SER B 200 -22.46 17.31 -8.78
CA SER B 200 -23.80 17.90 -8.88
C SER B 200 -24.68 17.30 -7.79
N GLY B 201 -25.76 17.98 -7.46
CA GLY B 201 -26.71 17.49 -6.45
C GLY B 201 -27.24 18.65 -5.67
N SER B 202 -28.17 18.36 -4.77
CA SER B 202 -28.70 19.33 -3.79
C SER B 202 -29.48 18.56 -2.74
N GLY B 203 -29.28 18.90 -1.47
CA GLY B 203 -30.13 18.45 -0.37
C GLY B 203 -29.81 17.03 0.04
N THR B 204 -30.38 16.04 -0.64
CA THR B 204 -30.33 14.60 -0.27
C THR B 204 -29.75 13.74 -1.40
N GLU B 205 -29.71 14.24 -2.63
CA GLU B 205 -29.26 13.45 -3.80
C GLU B 205 -28.04 14.14 -4.41
N PHE B 206 -26.93 13.42 -4.49
CA PHE B 206 -25.64 13.93 -5.05
C PHE B 206 -25.02 12.88 -5.97
N THR B 207 -24.31 13.34 -7.01
CA THR B 207 -23.64 12.44 -7.97
C THR B 207 -22.27 13.00 -8.34
N LEU B 208 -21.33 12.09 -8.57
CA LEU B 208 -20.01 12.41 -9.14
C LEU B 208 -19.91 11.64 -10.45
N THR B 209 -19.54 12.31 -11.54
CA THR B 209 -19.35 11.69 -12.86
C THR B 209 -17.92 11.92 -13.33
N ILE B 210 -17.23 10.83 -13.63
CA ILE B 210 -15.87 10.84 -14.20
C ILE B 210 -16.02 10.52 -15.68
N SER B 211 -15.81 11.53 -16.51
CA SER B 211 -15.82 11.44 -17.98
C SER B 211 -14.38 11.16 -18.46
N ASP B 212 -14.21 10.66 -19.68
CA ASP B 212 -12.92 10.32 -20.33
C ASP B 212 -11.97 9.64 -19.34
N LEU B 213 -12.42 8.50 -18.82
CA LEU B 213 -11.71 7.70 -17.80
C LEU B 213 -10.27 7.40 -18.24
N GLU B 214 -9.36 7.36 -17.28
CA GLU B 214 -7.92 7.10 -17.46
C GLU B 214 -7.50 6.10 -16.40
N CYS B 215 -6.37 5.43 -16.62
CA CYS B 215 -5.80 4.47 -15.65
C CYS B 215 -5.55 5.17 -14.30
N ALA B 216 -5.05 6.41 -14.31
CA ALA B 216 -4.76 7.21 -13.09
C ALA B 216 -6.01 7.35 -12.20
N ASP B 217 -7.21 7.13 -12.73
CA ASP B 217 -8.49 7.48 -12.06
C ASP B 217 -8.95 6.30 -11.19
N ALA B 218 -8.35 5.12 -11.38
CA ALA B 218 -8.68 3.91 -10.60
C ALA B 218 -8.37 4.19 -9.15
N ALA B 219 -9.40 4.16 -8.31
CA ALA B 219 -9.31 4.51 -6.89
C ALA B 219 -10.63 4.21 -6.21
N THR B 220 -10.65 4.42 -4.90
CA THR B 220 -11.91 4.46 -4.11
C THR B 220 -12.31 5.92 -3.95
N TYR B 221 -13.59 6.21 -4.15
CA TYR B 221 -14.15 7.59 -4.09
C TYR B 221 -15.11 7.58 -2.92
N TYR B 222 -15.07 8.64 -2.12
CA TYR B 222 -15.95 8.79 -0.93
C TYR B 222 -16.63 10.13 -1.01
N CYS B 223 -17.92 10.16 -0.74
CA CYS B 223 -18.66 11.42 -0.48
C CYS B 223 -18.60 11.66 1.04
N GLN B 224 -18.65 12.91 1.45
CA GLN B 224 -18.66 13.29 2.88
C GLN B 224 -19.61 14.47 3.05
N SER B 225 -20.53 14.36 4.01
CA SER B 225 -21.31 15.52 4.49
C SER B 225 -20.36 16.46 5.23
N THR B 226 -20.25 17.69 4.76
CA THR B 226 -19.38 18.73 5.34
C THR B 226 -20.28 19.73 6.07
N TYR B 227 -21.51 19.34 6.39
CA TYR B 227 -22.42 20.19 7.18
C TYR B 227 -21.75 20.48 8.53
N GLU B 228 -21.89 21.71 9.06
CA GLU B 228 -21.09 22.23 10.22
C GLU B 228 -21.76 21.84 11.54
N ASN B 229 -21.96 20.54 11.77
CA ASN B 229 -22.55 20.00 13.03
C ASN B 229 -22.06 18.57 13.20
N PRO B 230 -21.55 18.15 14.39
CA PRO B 230 -21.00 16.80 14.55
C PRO B 230 -21.96 15.62 14.33
N THR B 231 -23.28 15.87 14.43
CA THR B 231 -24.38 14.91 14.18
C THR B 231 -24.49 14.63 12.70
N TYR B 232 -24.08 15.60 11.87
CA TYR B 232 -24.38 15.63 10.41
C TYR B 232 -23.13 15.28 9.60
N VAL B 233 -21.96 15.22 10.22
CA VAL B 233 -20.70 14.96 9.49
C VAL B 233 -20.62 13.45 9.33
N SER B 234 -20.56 12.99 8.08
CA SER B 234 -20.65 11.57 7.75
C SER B 234 -19.96 11.29 6.43
N PHE B 235 -19.34 10.13 6.35
CA PHE B 235 -18.66 9.61 5.14
C PHE B 235 -19.54 8.53 4.52
N GLY B 236 -19.58 8.46 3.19
CA GLY B 236 -20.17 7.32 2.46
C GLY B 236 -19.31 6.08 2.66
N GLY B 237 -19.83 4.93 2.25
CA GLY B 237 -19.16 3.62 2.41
C GLY B 237 -18.04 3.42 1.41
N GLY B 238 -17.95 4.27 0.39
CA GLY B 238 -16.94 4.14 -0.68
C GLY B 238 -17.48 3.53 -1.97
N THR B 239 -16.80 3.81 -3.08
CA THR B 239 -16.99 3.17 -4.40
C THR B 239 -15.61 2.82 -5.00
N GLU B 240 -15.26 1.54 -5.06
CA GLU B 240 -14.07 1.09 -5.82
C GLU B 240 -14.34 1.35 -7.30
N VAL B 241 -13.50 2.14 -7.96
CA VAL B 241 -13.54 2.31 -9.45
C VAL B 241 -12.31 1.65 -10.06
N GLY B 242 -12.53 0.68 -10.94
CA GLY B 242 -11.45 0.06 -11.73
C GLY B 242 -11.46 0.57 -13.17
N VAL B 243 -10.37 0.35 -13.88
CA VAL B 243 -10.25 0.62 -15.33
C VAL B 243 -9.82 -0.66 -16.05
N LYS B 244 -10.62 -1.09 -17.03
CA LYS B 244 -10.40 -2.35 -17.78
C LYS B 244 -9.26 -2.17 -18.79
N SER B 245 -8.55 -3.27 -19.10
CA SER B 245 -7.46 -3.30 -20.10
C SER B 245 -7.13 -4.75 -20.47
N ALA C 2 -18.47 -23.16 -26.00
CA ALA C 2 -17.93 -22.31 -24.89
C ALA C 2 -18.56 -22.75 -23.56
N GLN C 3 -17.75 -22.84 -22.50
CA GLN C 3 -18.21 -23.21 -21.15
C GLN C 3 -18.48 -21.94 -20.34
N SER C 4 -19.66 -21.82 -19.73
CA SER C 4 -20.03 -20.63 -18.90
C SER C 4 -20.98 -21.01 -17.76
N VAL C 5 -21.18 -20.06 -16.85
CA VAL C 5 -21.96 -20.25 -15.61
C VAL C 5 -22.70 -18.93 -15.39
N GLU C 6 -23.95 -19.01 -14.92
CA GLU C 6 -24.76 -17.80 -14.65
C GLU C 6 -25.76 -18.03 -13.51
N GLU C 7 -25.77 -17.11 -12.54
CA GLU C 7 -26.65 -17.13 -11.35
C GLU C 7 -27.86 -16.27 -11.64
N SER C 8 -28.95 -16.49 -10.90
CA SER C 8 -30.25 -15.80 -11.05
C SER C 8 -31.07 -16.00 -9.78
N GLY C 9 -31.92 -15.04 -9.43
CA GLY C 9 -32.88 -15.18 -8.31
C GLY C 9 -32.77 -14.04 -7.33
N GLY C 10 -31.70 -13.24 -7.45
CA GLY C 10 -31.38 -12.13 -6.54
C GLY C 10 -32.40 -11.02 -6.66
N ARG C 11 -32.79 -10.45 -5.52
CA ARG C 11 -33.82 -9.37 -5.44
C ARG C 11 -33.87 -8.86 -4.00
N LEU C 12 -34.61 -7.78 -3.80
CA LEU C 12 -34.91 -7.21 -2.46
C LEU C 12 -35.93 -8.12 -1.77
N VAL C 13 -35.83 -8.29 -0.46
CA VAL C 13 -36.66 -9.24 0.34
C VAL C 13 -36.71 -8.71 1.77
N THR C 14 -37.73 -9.07 2.54
CA THR C 14 -37.88 -8.63 3.96
C THR C 14 -37.31 -9.74 4.84
N PRO C 15 -36.71 -9.41 6.00
CA PRO C 15 -36.13 -10.41 6.88
C PRO C 15 -37.10 -11.57 7.14
N GLY C 16 -36.61 -12.80 7.01
CA GLY C 16 -37.36 -14.04 7.33
C GLY C 16 -38.04 -14.65 6.12
N THR C 17 -38.31 -13.85 5.07
CA THR C 17 -38.89 -14.31 3.77
C THR C 17 -37.88 -15.20 3.04
N PRO C 18 -38.07 -16.55 2.95
CA PRO C 18 -37.12 -17.43 2.27
C PRO C 18 -36.94 -17.11 0.78
N LEU C 19 -35.79 -17.43 0.22
CA LEU C 19 -35.41 -17.04 -1.16
C LEU C 19 -34.54 -18.15 -1.75
N THR C 20 -34.76 -18.48 -3.03
CA THR C 20 -33.94 -19.48 -3.76
C THR C 20 -33.25 -18.81 -4.95
N LEU C 21 -31.95 -19.08 -5.06
CA LEU C 21 -31.08 -18.65 -6.17
C LEU C 21 -30.78 -19.89 -7.02
N ALA C 22 -30.58 -19.67 -8.31
CA ALA C 22 -30.31 -20.73 -9.29
C ALA C 22 -28.96 -20.44 -9.95
N CYS C 23 -28.24 -21.51 -10.26
CA CYS C 23 -26.95 -21.43 -11.00
C CYS C 23 -27.07 -22.34 -12.20
N THR C 24 -27.14 -21.77 -13.39
CA THR C 24 -27.37 -22.52 -14.65
C THR C 24 -26.07 -22.55 -15.43
N VAL C 25 -25.69 -23.75 -15.87
CA VAL C 25 -24.38 -24.00 -16.52
C VAL C 25 -24.62 -24.31 -17.99
N SER C 26 -23.61 -23.98 -18.79
CA SER C 26 -23.57 -24.16 -20.26
C SER C 26 -22.22 -24.74 -20.65
N GLY C 27 -22.22 -25.80 -21.47
CA GLY C 27 -21.01 -26.37 -22.06
C GLY C 27 -20.40 -27.50 -21.24
N PHE C 28 -21.01 -27.91 -20.13
CA PHE C 28 -20.53 -29.07 -19.33
C PHE C 28 -21.67 -29.64 -18.49
N SER C 29 -21.47 -30.86 -18.02
CA SER C 29 -22.49 -31.64 -17.29
C SER C 29 -22.19 -31.57 -15.79
N LEU C 30 -23.21 -31.32 -14.97
CA LEU C 30 -23.11 -31.45 -13.49
C LEU C 30 -23.00 -32.93 -13.10
N ASN C 31 -23.06 -33.84 -14.06
CA ASN C 31 -22.77 -35.29 -13.84
C ASN C 31 -21.25 -35.48 -13.78
N THR C 32 -20.47 -34.54 -14.32
CA THR C 32 -18.99 -34.61 -14.38
C THR C 32 -18.38 -33.70 -13.30
N TYR C 33 -18.86 -32.45 -13.17
CA TYR C 33 -18.20 -31.38 -12.39
C TYR C 33 -18.94 -31.10 -11.06
N SER C 34 -18.18 -30.81 -10.00
CA SER C 34 -18.73 -30.31 -8.71
C SER C 34 -18.91 -28.79 -8.83
N MET C 35 -19.85 -28.22 -8.07
CA MET C 35 -20.11 -26.76 -8.00
C MET C 35 -20.14 -26.30 -6.54
N PHE C 36 -19.73 -25.05 -6.27
CA PHE C 36 -19.81 -24.47 -4.91
C PHE C 36 -20.27 -23.01 -4.97
N TRP C 37 -20.79 -22.53 -3.86
CA TRP C 37 -21.36 -21.18 -3.68
C TRP C 37 -20.43 -20.35 -2.80
N VAL C 38 -20.20 -19.11 -3.19
CA VAL C 38 -19.42 -18.07 -2.48
C VAL C 38 -20.29 -16.81 -2.41
N ARG C 39 -20.17 -16.02 -1.34
CA ARG C 39 -20.89 -14.72 -1.24
C ARG C 39 -19.89 -13.60 -0.91
N GLN C 40 -20.30 -12.36 -1.14
CA GLN C 40 -19.46 -11.16 -0.92
C GLN C 40 -20.37 -10.00 -0.56
N ALA C 41 -20.42 -9.65 0.72
CA ALA C 41 -21.18 -8.46 1.16
C ALA C 41 -20.52 -7.26 0.50
N PRO C 42 -21.25 -6.16 0.19
CA PRO C 42 -20.63 -4.99 -0.43
C PRO C 42 -19.51 -4.40 0.45
N GLY C 43 -18.33 -4.14 -0.13
CA GLY C 43 -17.16 -3.61 0.60
C GLY C 43 -16.35 -4.70 1.28
N LYS C 44 -17.00 -5.77 1.78
CA LYS C 44 -16.36 -6.94 2.46
C LYS C 44 -15.73 -7.89 1.41
N GLY C 45 -15.05 -8.96 1.88
CA GLY C 45 -14.41 -9.98 1.05
C GLY C 45 -15.26 -11.22 0.82
N LEU C 46 -14.62 -12.25 0.26
CA LEU C 46 -15.25 -13.50 -0.24
C LEU C 46 -15.42 -14.46 0.93
N GLN C 47 -16.52 -15.20 0.92
CA GLN C 47 -16.85 -16.20 1.95
C GLN C 47 -17.45 -17.45 1.32
N TRP C 48 -16.90 -18.61 1.64
CA TRP C 48 -17.38 -19.91 1.12
C TRP C 48 -18.61 -20.36 1.90
N ILE C 49 -19.60 -20.89 1.21
CA ILE C 49 -20.89 -21.34 1.80
C ILE C 49 -20.93 -22.86 1.79
N GLY C 50 -20.62 -23.49 0.67
CA GLY C 50 -20.74 -24.95 0.55
C GLY C 50 -20.60 -25.43 -0.87
N ILE C 51 -20.54 -26.75 -1.02
CA ILE C 51 -20.15 -27.47 -2.27
C ILE C 51 -21.09 -28.67 -2.45
N ILE C 52 -21.32 -29.05 -3.70
CA ILE C 52 -22.11 -30.27 -4.07
C ILE C 52 -21.32 -31.03 -5.14
N SER C 53 -21.04 -32.31 -4.91
CA SER C 53 -20.22 -33.10 -5.85
C SER C 53 -21.05 -33.44 -7.09
N ASN C 54 -20.40 -33.96 -8.12
CA ASN C 54 -21.09 -34.45 -9.34
C ASN C 54 -22.04 -35.58 -8.96
N PHE C 55 -21.79 -36.27 -7.83
CA PHE C 55 -22.60 -37.41 -7.33
C PHE C 55 -23.62 -36.93 -6.28
N GLY C 56 -23.65 -35.62 -6.01
CA GLY C 56 -24.71 -34.95 -5.23
C GLY C 56 -24.45 -35.01 -3.74
N VAL C 57 -23.19 -35.19 -3.34
CA VAL C 57 -22.79 -35.16 -1.91
C VAL C 57 -22.48 -33.70 -1.56
N ILE C 58 -23.15 -33.18 -0.54
CA ILE C 58 -23.10 -31.75 -0.14
C ILE C 58 -22.25 -31.62 1.13
N TYR C 59 -21.42 -30.58 1.17
CA TYR C 59 -20.70 -30.13 2.39
C TYR C 59 -20.92 -28.63 2.54
N TYR C 60 -21.28 -28.21 3.76
CA TYR C 60 -21.52 -26.80 4.14
C TYR C 60 -20.42 -26.34 5.11
N ALA C 61 -19.97 -25.10 4.95
CA ALA C 61 -19.22 -24.36 6.00
C ALA C 61 -20.02 -24.47 7.32
N THR C 62 -19.35 -24.50 8.47
CA THR C 62 -19.99 -24.66 9.81
C THR C 62 -20.93 -23.49 10.08
N TRP C 63 -20.56 -22.25 9.73
CA TRP C 63 -21.41 -21.06 9.96
C TRP C 63 -22.71 -21.13 9.12
N ALA C 64 -22.71 -21.87 7.99
CA ALA C 64 -23.82 -21.87 7.02
C ALA C 64 -24.89 -22.92 7.38
N LYS C 65 -24.55 -23.90 8.21
CA LYS C 65 -25.45 -25.05 8.52
C LYS C 65 -26.73 -24.52 9.16
N GLY C 66 -27.88 -24.89 8.60
CA GLY C 66 -29.19 -24.39 9.06
C GLY C 66 -29.58 -23.12 8.33
N ARG C 67 -28.63 -22.29 7.89
CA ARG C 67 -28.93 -21.01 7.22
C ARG C 67 -29.13 -21.21 5.71
N PHE C 68 -28.57 -22.26 5.11
CA PHE C 68 -28.56 -22.49 3.64
C PHE C 68 -28.78 -23.97 3.30
N THR C 69 -29.46 -24.20 2.17
CA THR C 69 -29.67 -25.54 1.56
C THR C 69 -29.21 -25.49 0.11
N ILE C 70 -28.34 -26.43 -0.27
CA ILE C 70 -27.90 -26.64 -1.67
C ILE C 70 -28.64 -27.88 -2.21
N SER C 71 -28.98 -27.85 -3.51
CA SER C 71 -29.62 -28.96 -4.25
C SER C 71 -29.30 -28.72 -5.72
N LYS C 72 -29.53 -29.74 -6.47
CA LYS C 72 -29.21 -29.69 -7.91
C LYS C 72 -30.24 -30.52 -8.66
N THR C 73 -30.43 -30.17 -9.94
CA THR C 73 -31.16 -30.94 -10.97
C THR C 73 -30.07 -31.51 -11.89
N SER C 74 -30.42 -32.07 -13.05
CA SER C 74 -29.43 -32.61 -14.03
C SER C 74 -28.60 -31.46 -14.63
N THR C 75 -29.16 -30.25 -14.74
CA THR C 75 -28.57 -29.10 -15.49
C THR C 75 -28.52 -27.82 -14.66
N THR C 76 -29.13 -27.78 -13.46
CA THR C 76 -29.20 -26.57 -12.60
C THR C 76 -28.69 -26.88 -11.21
N VAL C 77 -27.87 -25.99 -10.67
CA VAL C 77 -27.48 -25.97 -9.22
C VAL C 77 -28.25 -24.83 -8.51
N ASP C 78 -28.84 -25.05 -7.17
CA ASP C 78 -29.80 -24.19 -6.37
C ASP C 78 -29.25 -23.94 -4.95
N LEU C 79 -29.38 -22.71 -4.50
CA LEU C 79 -29.04 -22.30 -3.12
C LEU C 79 -30.28 -21.64 -2.50
N LYS C 80 -30.81 -22.24 -1.43
CA LYS C 80 -31.92 -21.67 -0.64
C LYS C 80 -31.38 -21.02 0.64
N ILE C 81 -31.73 -19.76 0.87
CA ILE C 81 -31.53 -19.03 2.15
C ILE C 81 -32.77 -19.26 3.01
N THR C 82 -32.64 -20.06 4.07
CA THR C 82 -33.75 -20.60 4.89
C THR C 82 -34.53 -19.45 5.54
N SER C 83 -33.85 -18.46 6.10
CA SER C 83 -34.47 -17.37 6.90
C SER C 83 -33.59 -16.11 6.93
N PRO C 84 -33.56 -15.34 5.83
CA PRO C 84 -32.64 -14.22 5.70
C PRO C 84 -32.71 -13.18 6.82
N THR C 85 -31.55 -12.55 7.07
CA THR C 85 -31.37 -11.38 7.96
C THR C 85 -30.64 -10.31 7.13
N THR C 86 -30.40 -9.13 7.71
CA THR C 86 -29.74 -8.01 6.99
C THR C 86 -28.28 -8.41 6.71
N GLU C 87 -27.69 -9.29 7.53
CA GLU C 87 -26.30 -9.82 7.40
C GLU C 87 -26.17 -10.74 6.17
N ASP C 88 -27.25 -11.05 5.46
CA ASP C 88 -27.24 -11.99 4.30
C ASP C 88 -27.27 -11.19 3.00
N THR C 89 -27.30 -9.86 3.10
CA THR C 89 -27.20 -8.95 1.94
C THR C 89 -25.82 -9.11 1.31
N ALA C 90 -25.76 -9.65 0.10
CA ALA C 90 -24.49 -9.96 -0.57
C ALA C 90 -24.74 -10.31 -2.04
N THR C 91 -23.66 -10.26 -2.83
CA THR C 91 -23.56 -10.88 -4.19
C THR C 91 -23.24 -12.36 -4.00
N TYR C 92 -24.03 -13.25 -4.59
CA TYR C 92 -23.86 -14.72 -4.48
C TYR C 92 -23.33 -15.26 -5.81
N PHE C 93 -22.21 -15.97 -5.75
CA PHE C 93 -21.53 -16.58 -6.93
C PHE C 93 -21.64 -18.10 -6.83
N CYS C 94 -21.89 -18.76 -7.96
CA CYS C 94 -21.63 -20.22 -8.07
C CYS C 94 -20.36 -20.34 -8.89
N VAL C 95 -19.59 -21.36 -8.58
CA VAL C 95 -18.21 -21.57 -9.11
C VAL C 95 -18.10 -23.05 -9.43
N ARG C 96 -17.41 -23.34 -10.53
CA ARG C 96 -17.14 -24.71 -10.99
C ARG C 96 -15.77 -25.13 -10.43
N LYS C 97 -15.75 -26.22 -9.66
CA LYS C 97 -14.53 -26.81 -9.05
C LYS C 97 -13.64 -27.40 -10.16
N TYR C 98 -12.35 -27.07 -10.16
CA TYR C 98 -11.27 -27.74 -10.96
C TYR C 98 -10.91 -29.05 -10.23
N GLY C 99 -10.23 -29.99 -10.92
CA GLY C 99 -10.14 -31.40 -10.51
C GLY C 99 -9.43 -31.64 -9.18
N SER C 100 -8.20 -31.13 -9.04
CA SER C 100 -7.20 -31.52 -8.01
C SER C 100 -7.60 -31.08 -6.59
N GLU C 101 -8.23 -29.90 -6.46
CA GLU C 101 -8.48 -29.25 -5.14
C GLU C 101 -9.90 -28.69 -5.10
N TRP C 102 -10.32 -28.19 -3.94
CA TRP C 102 -11.61 -27.47 -3.74
C TRP C 102 -11.47 -25.97 -4.09
N GLY C 103 -10.85 -25.69 -5.23
CA GLY C 103 -10.82 -24.35 -5.83
C GLY C 103 -11.66 -24.31 -7.08
N GLY C 104 -11.95 -23.11 -7.59
CA GLY C 104 -12.87 -22.91 -8.73
C GLY C 104 -12.20 -22.17 -9.87
N ASP C 105 -12.37 -22.65 -11.11
CA ASP C 105 -11.74 -22.08 -12.33
C ASP C 105 -12.74 -21.23 -13.14
N LEU C 106 -14.05 -21.46 -13.03
CA LEU C 106 -15.11 -20.79 -13.82
C LEU C 106 -16.12 -20.17 -12.85
N TRP C 107 -16.23 -18.85 -12.81
CA TRP C 107 -17.13 -18.11 -11.89
C TRP C 107 -18.29 -17.51 -12.69
N GLY C 108 -19.46 -17.35 -12.09
CA GLY C 108 -20.57 -16.61 -12.70
C GLY C 108 -20.45 -15.10 -12.44
N PRO C 109 -21.30 -14.25 -13.06
CA PRO C 109 -21.29 -12.81 -12.79
C PRO C 109 -21.76 -12.46 -11.38
N GLY C 110 -22.47 -13.39 -10.72
CA GLY C 110 -22.98 -13.20 -9.35
C GLY C 110 -24.36 -12.56 -9.41
N THR C 111 -25.19 -12.78 -8.40
CA THR C 111 -26.56 -12.23 -8.31
C THR C 111 -26.71 -11.54 -6.96
N LEU C 112 -27.28 -10.33 -6.93
CA LEU C 112 -27.31 -9.50 -5.71
C LEU C 112 -28.59 -9.75 -4.93
N VAL C 113 -28.45 -10.12 -3.67
CA VAL C 113 -29.56 -10.28 -2.70
C VAL C 113 -29.51 -9.12 -1.72
N THR C 114 -30.61 -8.40 -1.57
CA THR C 114 -30.76 -7.30 -0.58
C THR C 114 -31.84 -7.69 0.43
N VAL C 115 -31.58 -7.48 1.72
CA VAL C 115 -32.52 -7.79 2.85
C VAL C 115 -32.75 -6.48 3.63
N SER C 116 -33.98 -5.93 3.56
CA SER C 116 -34.39 -4.64 4.20
C SER C 116 -34.27 -4.73 5.72
N GLU C 136 -11.40 -25.20 12.74
CA GLU C 136 -11.88 -24.04 11.93
C GLU C 136 -10.69 -23.17 11.51
N LEU C 137 -10.28 -23.27 10.25
CA LEU C 137 -9.02 -22.66 9.75
C LEU C 137 -9.25 -21.16 9.54
N ASP C 138 -8.26 -20.37 9.93
CA ASP C 138 -8.25 -18.89 9.76
C ASP C 138 -7.17 -18.52 8.75
N MET C 139 -7.48 -17.69 7.76
CA MET C 139 -6.48 -17.22 6.75
C MET C 139 -6.21 -15.75 6.97
N THR C 140 -4.94 -15.38 7.15
CA THR C 140 -4.54 -13.98 7.45
C THR C 140 -3.72 -13.44 6.28
N GLN C 141 -4.28 -12.44 5.60
CA GLN C 141 -3.67 -11.86 4.38
C GLN C 141 -3.07 -10.49 4.71
N THR C 142 -1.88 -10.20 4.19
CA THR C 142 -1.15 -8.94 4.47
C THR C 142 -0.41 -8.55 3.20
N PRO C 143 -0.34 -7.25 2.83
CA PRO C 143 -1.01 -6.19 3.57
C PRO C 143 -2.47 -6.08 3.12
N ALA C 144 -3.24 -5.17 3.72
CA ALA C 144 -4.65 -4.93 3.38
C ALA C 144 -4.70 -4.16 2.05
N SER C 145 -3.82 -3.19 1.91
CA SER C 145 -3.84 -2.23 0.80
C SER C 145 -2.39 -1.87 0.46
N VAL C 146 -2.11 -1.63 -0.81
CA VAL C 146 -0.75 -1.25 -1.29
C VAL C 146 -0.87 -0.69 -2.70
N SER C 147 -0.13 0.36 -2.99
CA SER C 147 0.06 0.92 -4.35
C SER C 147 1.56 0.97 -4.62
N GLU C 148 1.99 0.54 -5.81
CA GLU C 148 3.39 0.60 -6.27
C GLU C 148 3.36 1.22 -7.67
N PRO C 149 4.49 1.73 -8.21
CA PRO C 149 4.49 2.37 -9.53
C PRO C 149 4.47 1.35 -10.67
N VAL C 150 4.12 1.78 -11.87
CA VAL C 150 4.17 0.91 -13.09
C VAL C 150 5.59 0.35 -13.18
N GLY C 151 5.75 -0.96 -13.44
CA GLY C 151 7.06 -1.63 -13.47
C GLY C 151 7.51 -2.14 -12.10
N GLY C 152 6.79 -1.76 -11.04
CA GLY C 152 7.14 -2.11 -9.65
C GLY C 152 6.94 -3.59 -9.34
N THR C 153 7.07 -3.93 -8.05
CA THR C 153 6.86 -5.29 -7.50
C THR C 153 5.93 -5.16 -6.28
N VAL C 154 4.98 -6.07 -6.20
CA VAL C 154 4.08 -6.21 -5.03
C VAL C 154 4.19 -7.64 -4.51
N THR C 155 4.25 -7.80 -3.19
CA THR C 155 4.29 -9.13 -2.55
C THR C 155 3.18 -9.20 -1.50
N ILE C 156 2.28 -10.17 -1.65
CA ILE C 156 1.16 -10.42 -0.72
C ILE C 156 1.47 -11.71 0.03
N LYS C 157 1.28 -11.67 1.35
CA LYS C 157 1.56 -12.81 2.25
C LYS C 157 0.22 -13.33 2.76
N CYS C 158 0.10 -14.64 2.86
CA CYS C 158 -1.12 -15.34 3.32
C CYS C 158 -0.66 -16.39 4.34
N GLN C 159 -1.26 -16.39 5.54
CA GLN C 159 -0.82 -17.23 6.67
C GLN C 159 -1.99 -18.05 7.20
N ALA C 160 -1.85 -19.38 7.20
CA ALA C 160 -2.91 -20.36 7.50
C ALA C 160 -2.74 -20.87 8.93
N SER C 161 -3.83 -20.93 9.71
CA SER C 161 -3.91 -21.43 11.12
C SER C 161 -3.32 -22.84 11.24
N GLN C 162 -3.60 -23.74 10.30
CA GLN C 162 -3.16 -25.16 10.31
C GLN C 162 -2.46 -25.37 8.97
N SER C 163 -1.72 -26.46 8.80
CA SER C 163 -0.99 -26.78 7.54
C SER C 163 -1.99 -27.24 6.48
N ILE C 164 -1.94 -26.63 5.30
CA ILE C 164 -2.82 -26.96 4.16
C ILE C 164 -1.95 -27.39 2.98
N SER C 165 -0.75 -27.87 3.26
CA SER C 165 0.17 -28.42 2.25
C SER C 165 0.24 -27.48 1.04
N SER C 166 -0.11 -27.95 -0.16
CA SER C 166 -0.04 -27.17 -1.42
C SER C 166 -1.44 -26.73 -1.87
N TYR C 167 -2.46 -26.90 -1.04
CA TYR C 167 -3.88 -26.61 -1.38
C TYR C 167 -4.18 -25.12 -1.17
N LEU C 168 -3.70 -24.30 -2.08
CA LEU C 168 -3.83 -22.81 -2.00
C LEU C 168 -4.08 -22.32 -3.43
N ALA C 169 -5.06 -21.45 -3.61
CA ALA C 169 -5.30 -20.78 -4.91
C ALA C 169 -5.27 -19.28 -4.68
N TRP C 170 -4.84 -18.52 -5.70
CA TRP C 170 -4.90 -17.03 -5.73
C TRP C 170 -5.89 -16.62 -6.81
N TYR C 171 -6.77 -15.68 -6.45
CA TYR C 171 -7.77 -15.05 -7.35
C TYR C 171 -7.53 -13.53 -7.45
N GLN C 172 -7.82 -13.02 -8.64
CA GLN C 172 -7.83 -11.58 -8.99
C GLN C 172 -9.28 -11.12 -9.17
N GLN C 173 -9.67 -10.00 -8.57
CA GLN C 173 -11.04 -9.46 -8.69
C GLN C 173 -10.95 -7.95 -8.93
N LYS C 174 -11.32 -7.51 -10.13
CA LYS C 174 -11.43 -6.07 -10.41
C LYS C 174 -12.73 -5.59 -9.79
N PRO C 175 -12.85 -4.28 -9.46
CA PRO C 175 -14.11 -3.76 -8.94
C PRO C 175 -15.37 -4.02 -9.81
N GLY C 176 -16.41 -4.60 -9.20
CA GLY C 176 -17.71 -4.88 -9.82
C GLY C 176 -17.65 -6.02 -10.84
N GLN C 177 -16.57 -6.78 -10.88
CA GLN C 177 -16.41 -7.95 -11.80
C GLN C 177 -16.29 -9.21 -10.94
N ARG C 178 -16.18 -10.35 -11.58
CA ARG C 178 -16.08 -11.63 -10.85
C ARG C 178 -14.61 -11.96 -10.62
N PRO C 179 -14.31 -12.77 -9.59
CA PRO C 179 -12.97 -13.29 -9.38
C PRO C 179 -12.49 -14.10 -10.60
N ARG C 180 -11.19 -14.01 -10.88
CA ARG C 180 -10.47 -14.80 -11.93
C ARG C 180 -9.38 -15.61 -11.23
N LEU C 181 -9.33 -16.92 -11.44
CA LEU C 181 -8.25 -17.78 -10.89
C LEU C 181 -6.92 -17.44 -11.60
N LEU C 182 -5.88 -17.17 -10.81
CA LEU C 182 -4.51 -16.90 -11.31
C LEU C 182 -3.67 -18.14 -11.09
N ILE C 183 -3.71 -18.66 -9.87
CA ILE C 183 -2.77 -19.71 -9.42
C ILE C 183 -3.54 -20.71 -8.58
N TYR C 184 -3.28 -22.00 -8.83
CA TYR C 184 -3.81 -23.13 -8.04
C TYR C 184 -2.62 -24.03 -7.69
N GLU C 185 -2.81 -24.92 -6.71
CA GLU C 185 -1.76 -25.83 -6.19
C GLU C 185 -0.53 -24.99 -5.82
N THR C 186 -0.72 -23.85 -5.14
CA THR C 186 0.36 -22.97 -4.59
C THR C 186 1.10 -22.18 -5.69
N SER C 187 1.59 -22.85 -6.72
CA SER C 187 2.55 -22.26 -7.69
C SER C 187 2.13 -22.48 -9.15
N THR C 188 1.13 -23.33 -9.43
CA THR C 188 0.75 -23.67 -10.83
C THR C 188 -0.07 -22.52 -11.42
N LEU C 189 0.34 -22.07 -12.59
CA LEU C 189 -0.29 -20.89 -13.25
C LEU C 189 -1.48 -21.37 -14.06
N ALA C 190 -2.62 -20.73 -13.89
CA ALA C 190 -3.83 -20.96 -14.71
C ALA C 190 -3.55 -20.53 -16.15
N SER C 191 -4.33 -21.06 -17.10
CA SER C 191 -4.17 -20.81 -18.56
C SER C 191 -4.39 -19.31 -18.81
N GLY C 192 -3.49 -18.67 -19.56
CA GLY C 192 -3.64 -17.27 -20.00
C GLY C 192 -3.03 -16.29 -19.01
N VAL C 193 -2.71 -16.71 -17.78
CA VAL C 193 -2.10 -15.84 -16.73
C VAL C 193 -0.61 -15.69 -17.04
N PRO C 194 -0.07 -14.45 -17.11
CA PRO C 194 1.34 -14.26 -17.45
C PRO C 194 2.29 -14.60 -16.29
N SER C 195 3.56 -14.91 -16.57
CA SER C 195 4.55 -15.45 -15.59
C SER C 195 5.00 -14.36 -14.59
N ARG C 196 4.68 -13.09 -14.84
CA ARG C 196 4.84 -11.97 -13.87
C ARG C 196 4.21 -12.31 -12.51
N PHE C 197 3.17 -13.14 -12.50
CA PHE C 197 2.50 -13.65 -11.28
C PHE C 197 3.25 -14.91 -10.84
N LYS C 198 3.85 -14.87 -9.67
CA LYS C 198 4.61 -15.99 -9.11
C LYS C 198 4.03 -16.33 -7.75
N GLY C 199 3.61 -17.58 -7.60
CA GLY C 199 3.11 -18.14 -6.32
C GLY C 199 4.12 -19.10 -5.73
N SER C 200 4.23 -19.09 -4.42
CA SER C 200 5.19 -19.93 -3.66
C SER C 200 4.66 -20.07 -2.23
N GLY C 201 5.16 -21.08 -1.53
CA GLY C 201 4.76 -21.31 -0.14
C GLY C 201 4.69 -22.78 0.11
N SER C 202 4.43 -23.15 1.36
CA SER C 202 4.15 -24.54 1.78
C SER C 202 3.57 -24.50 3.18
N GLY C 203 2.52 -25.27 3.42
CA GLY C 203 2.01 -25.56 4.77
C GLY C 203 1.18 -24.41 5.30
N THR C 204 1.84 -23.41 5.89
CA THR C 204 1.22 -22.29 6.65
C THR C 204 1.60 -20.92 6.08
N GLU C 205 2.67 -20.83 5.30
CA GLU C 205 3.20 -19.54 4.79
C GLU C 205 3.15 -19.58 3.26
N PHE C 206 2.44 -18.63 2.66
CA PHE C 206 2.29 -18.52 1.18
C PHE C 206 2.45 -17.06 0.75
N THR C 207 2.98 -16.85 -0.44
CA THR C 207 3.18 -15.48 -1.00
C THR C 207 2.84 -15.46 -2.48
N LEU C 208 2.28 -14.35 -2.93
CA LEU C 208 2.09 -14.05 -4.36
C LEU C 208 2.92 -12.81 -4.66
N THR C 209 3.72 -12.84 -5.72
CA THR C 209 4.55 -11.70 -6.17
C THR C 209 4.19 -11.35 -7.59
N ILE C 210 3.80 -10.09 -7.79
CA ILE C 210 3.51 -9.50 -9.11
C ILE C 210 4.72 -8.66 -9.49
N SER C 211 5.48 -9.14 -10.45
CA SER C 211 6.65 -8.46 -11.03
C SER C 211 6.18 -7.64 -12.25
N ASP C 212 6.96 -6.65 -12.68
CA ASP C 212 6.69 -5.75 -13.85
C ASP C 212 5.23 -5.33 -13.87
N LEU C 213 4.81 -4.66 -12.79
CA LEU C 213 3.42 -4.21 -12.57
C LEU C 213 2.92 -3.38 -13.76
N GLU C 214 1.63 -3.51 -14.04
CA GLU C 214 0.92 -2.83 -15.15
C GLU C 214 -0.39 -2.29 -14.60
N CYS C 215 -0.98 -1.33 -15.29
CA CYS C 215 -2.29 -0.75 -14.92
C CYS C 215 -3.36 -1.86 -14.84
N ALA C 216 -3.36 -2.82 -15.77
CA ALA C 216 -4.33 -3.93 -15.82
C ALA C 216 -4.32 -4.76 -14.52
N ASP C 217 -3.27 -4.64 -13.69
CA ASP C 217 -3.04 -5.56 -12.55
C ASP C 217 -3.73 -5.01 -11.30
N ALA C 218 -4.16 -3.75 -11.35
CA ALA C 218 -4.88 -3.09 -10.22
C ALA C 218 -6.16 -3.87 -9.97
N ALA C 219 -6.26 -4.45 -8.78
CA ALA C 219 -7.38 -5.33 -8.40
C ALA C 219 -7.26 -5.69 -6.92
N THR C 220 -8.25 -6.42 -6.43
CA THR C 220 -8.18 -7.10 -5.12
C THR C 220 -7.76 -8.55 -5.36
N TYR C 221 -6.83 -9.05 -4.57
CA TYR C 221 -6.27 -10.42 -4.70
C TYR C 221 -6.67 -11.15 -3.44
N TYR C 222 -7.11 -12.39 -3.60
CA TYR C 222 -7.55 -13.23 -2.45
C TYR C 222 -6.81 -14.55 -2.54
N CYS C 223 -6.30 -15.03 -1.40
CA CYS C 223 -5.82 -16.42 -1.26
C CYS C 223 -7.01 -17.25 -0.76
N GLN C 224 -7.04 -18.53 -1.09
CA GLN C 224 -8.11 -19.45 -0.63
C GLN C 224 -7.46 -20.80 -0.34
N SER C 225 -7.73 -21.33 0.85
CA SER C 225 -7.42 -22.75 1.17
C SER C 225 -8.35 -23.63 0.33
N THR C 226 -7.76 -24.48 -0.50
CA THR C 226 -8.50 -25.40 -1.39
C THR C 226 -8.36 -26.81 -0.81
N TYR C 227 -8.00 -26.92 0.46
CA TYR C 227 -7.96 -28.23 1.16
C TYR C 227 -9.36 -28.88 1.08
N GLU C 228 -9.44 -30.20 0.87
CA GLU C 228 -10.70 -30.93 0.51
C GLU C 228 -11.47 -31.31 1.78
N ASN C 229 -11.83 -30.32 2.61
CA ASN C 229 -12.61 -30.53 3.85
C ASN C 229 -13.34 -29.23 4.17
N PRO C 230 -14.66 -29.22 4.47
CA PRO C 230 -15.39 -27.97 4.70
C PRO C 230 -14.93 -27.10 5.88
N THR C 231 -14.22 -27.71 6.84
CA THR C 231 -13.62 -27.05 8.03
C THR C 231 -12.42 -26.21 7.60
N TYR C 232 -11.79 -26.61 6.50
CA TYR C 232 -10.44 -26.10 6.09
C TYR C 232 -10.58 -25.13 4.91
N VAL C 233 -11.73 -25.04 4.28
CA VAL C 233 -11.90 -24.18 3.09
C VAL C 233 -12.14 -22.78 3.62
N SER C 234 -11.28 -21.85 3.22
CA SER C 234 -11.27 -20.49 3.79
C SER C 234 -10.65 -19.52 2.80
N PHE C 235 -11.19 -18.31 2.77
CA PHE C 235 -10.72 -17.18 1.95
C PHE C 235 -9.96 -16.20 2.84
N GLY C 236 -8.88 -15.61 2.34
CA GLY C 236 -8.24 -14.46 2.98
C GLY C 236 -9.14 -13.23 2.93
N GLY C 237 -8.78 -12.19 3.67
CA GLY C 237 -9.56 -10.95 3.79
C GLY C 237 -9.42 -10.07 2.56
N GLY C 238 -8.46 -10.35 1.68
CA GLY C 238 -8.19 -9.54 0.47
C GLY C 238 -7.00 -8.61 0.61
N THR C 239 -6.43 -8.22 -0.53
CA THR C 239 -5.40 -7.16 -0.66
C THR C 239 -5.77 -6.25 -1.86
N GLU C 240 -6.18 -5.01 -1.60
CA GLU C 240 -6.33 -4.00 -2.68
C GLU C 240 -4.94 -3.69 -3.22
N VAL C 241 -4.70 -3.89 -4.50
CA VAL C 241 -3.45 -3.43 -5.18
C VAL C 241 -3.78 -2.29 -6.13
N GLY C 242 -3.17 -1.13 -5.91
CA GLY C 242 -3.25 0.01 -6.84
C GLY C 242 -1.97 0.16 -7.65
N VAL C 243 -2.05 0.94 -8.73
CA VAL C 243 -0.89 1.34 -9.57
C VAL C 243 -0.83 2.86 -9.64
N LYS C 244 0.30 3.43 -9.24
CA LYS C 244 0.51 4.89 -9.18
C LYS C 244 0.73 5.45 -10.58
N SER C 245 0.35 6.72 -10.79
CA SER C 245 0.49 7.42 -12.09
C SER C 245 0.35 8.95 -11.90
#